data_4BRF
#
_entry.id   4BRF
#
_cell.length_a   62.144
_cell.length_b   85.970
_cell.length_c   71.888
_cell.angle_alpha   90.00
_cell.angle_beta   106.14
_cell.angle_gamma   90.00
#
_symmetry.space_group_name_H-M   'P 1 21 1'
#
loop_
_entity.id
_entity.type
_entity.pdbx_description
1 polymer 'ECTONUCLEOSIDE TRIPHOSPHATE DIPHOSPHOHYDROLASE I'
2 non-polymer 'MOLYBDATE ION'
3 non-polymer 'MAGNESIUM ION'
4 non-polymer '2-(N-MORPHOLINO)-ETHANESULFONIC ACID'
5 non-polymer 'SODIUM ION'
6 non-polymer GLYCEROL
7 non-polymer 'bis(mu2-oxo)-octaoxo-dimolybdenum (VI)'
8 non-polymer 1,2-ETHANEDIOL
9 non-polymer 'CHLORIDE ION'
10 non-polymer 'ADENOSINE MONOPHOSPHATE'
11 water water
#
_entity_poly.entity_id   1
_entity_poly.type   'polypeptide(L)'
_entity_poly.pdbx_seq_one_letter_code
;MDTNPCEKHSCIAVIDAGSTGSRLHIYSYDTDDTNTPIHIEEIWNKKIKPGFASIQPNSVTIDAYLTMLLADAPIHNIPV
YFYATAGMRLLPQSQQKKYYDELDYWFRQQSQWQLVEAKTITGNDEALFDWLAVNYKLDTLKSVQNKSVGVMDMGGASVQ
IVFPMPKNAEISKHNQVELNIYGQNINLYVHSFLGLGQTEMSHQFLNSPSCFANDYPLPDGESGQGNAPSCKEEVTSLMN
SVHKVNQQIQPLLALNPVNEWYSIGGISNLASSQLFHFENSELTNQSLLQQGDNQICHQQWDILNGQYPDDEYLYQYCLL
SSYYYALMVDGYGINPNQTIHYIPPEQNLDWTIGVVLHRALEHHHHHH
;
_entity_poly.pdbx_strand_id   A,B
#
loop_
_chem_comp.id
_chem_comp.type
_chem_comp.name
_chem_comp.formula
AMP non-polymer 'ADENOSINE MONOPHOSPHATE' 'C10 H14 N5 O7 P'
CL non-polymer 'CHLORIDE ION' 'Cl -1'
EDO non-polymer 1,2-ETHANEDIOL 'C2 H6 O2'
GOL non-polymer GLYCEROL 'C3 H8 O3'
M27 non-polymer 'bis(mu2-oxo)-octaoxo-dimolybdenum (VI)' 'Mo2 O10 -8'
MES non-polymer '2-(N-MORPHOLINO)-ETHANESULFONIC ACID' 'C6 H13 N O4 S'
MG non-polymer 'MAGNESIUM ION' 'Mg 2'
MOO non-polymer 'MOLYBDATE ION' 'Mo O4 -2'
NA non-polymer 'SODIUM ION' 'Na 1'
#
# COMPACT_ATOMS: atom_id res chain seq x y z
N ASN A 4 0.96 -39.59 16.81
CA ASN A 4 1.67 -39.88 15.52
C ASN A 4 0.76 -39.92 14.29
N PRO A 5 -0.01 -38.85 14.04
CA PRO A 5 -1.09 -39.00 13.03
C PRO A 5 -0.58 -39.35 11.62
N CYS A 6 0.61 -38.88 11.25
CA CYS A 6 1.05 -39.06 9.86
C CYS A 6 1.66 -40.44 9.65
N GLU A 7 1.58 -41.28 10.68
CA GLU A 7 2.04 -42.67 10.63
C GLU A 7 0.80 -43.48 10.37
N LYS A 8 -0.35 -42.83 10.49
CA LYS A 8 -1.64 -43.52 10.36
C LYS A 8 -2.57 -42.91 9.28
N HIS A 9 -2.18 -41.80 8.67
CA HIS A 9 -3.07 -41.09 7.71
C HIS A 9 -2.19 -40.41 6.72
N SER A 10 -2.72 -40.05 5.55
CA SER A 10 -1.99 -39.18 4.66
C SER A 10 -1.81 -37.82 5.38
N CYS A 11 -0.75 -37.08 5.00
CA CYS A 11 -0.47 -35.75 5.53
C CYS A 11 0.04 -34.79 4.46
N ILE A 12 -0.29 -33.50 4.63
CA ILE A 12 0.09 -32.50 3.67
C ILE A 12 0.34 -31.20 4.41
N ALA A 13 1.34 -30.42 3.98
CA ALA A 13 1.59 -29.08 4.56
C ALA A 13 1.10 -28.04 3.54
N VAL A 14 0.32 -27.08 4.00
CA VAL A 14 -0.12 -25.99 3.10
C VAL A 14 0.19 -24.67 3.82
N ILE A 15 0.91 -23.82 3.11
CA ILE A 15 1.31 -22.51 3.62
C ILE A 15 0.48 -21.44 2.96
N ASP A 16 -0.24 -20.70 3.77
CA ASP A 16 -0.92 -19.47 3.32
C ASP A 16 0.04 -18.31 3.53
N ALA A 17 0.65 -17.86 2.43
CA ALA A 17 1.61 -16.79 2.50
C ALA A 17 0.90 -15.51 2.13
N GLY A 18 0.25 -14.88 3.12
CA GLY A 18 -0.60 -13.70 2.89
C GLY A 18 0.16 -12.41 3.13
N SER A 19 -0.53 -11.29 2.91
CA SER A 19 0.12 -10.00 2.98
C SER A 19 0.67 -9.65 4.35
N THR A 20 0.08 -10.17 5.43
CA THR A 20 0.49 -9.76 6.74
C THR A 20 1.35 -10.83 7.48
N GLY A 21 1.54 -11.98 6.86
CA GLY A 21 2.25 -13.07 7.53
C GLY A 21 2.07 -14.37 6.77
N SER A 22 2.78 -15.43 7.20
CA SER A 22 2.58 -16.74 6.60
C SER A 22 2.07 -17.72 7.66
N ARG A 23 1.05 -18.50 7.27
CA ARG A 23 0.55 -19.51 8.17
C ARG A 23 0.73 -20.92 7.60
N LEU A 24 1.59 -21.74 8.26
CA LEU A 24 1.77 -23.13 7.91
C LEU A 24 0.64 -23.92 8.58
N HIS A 25 0.01 -24.82 7.81
CA HIS A 25 -0.87 -25.85 8.43
C HIS A 25 -0.33 -27.19 7.99
N ILE A 26 -0.39 -28.17 8.90
CA ILE A 26 -0.21 -29.58 8.50
C ILE A 26 -1.57 -30.26 8.77
N TYR A 27 -2.12 -30.91 7.75
CA TYR A 27 -3.40 -31.64 7.83
C TYR A 27 -3.18 -33.12 7.67
N SER A 28 -3.84 -33.92 8.50
CA SER A 28 -3.91 -35.36 8.27
C SER A 28 -5.28 -35.61 7.57
N TYR A 29 -5.38 -36.67 6.79
CA TYR A 29 -6.65 -36.96 6.10
C TYR A 29 -6.66 -38.39 5.65
N ASP A 30 -7.86 -38.91 5.44
CA ASP A 30 -8.05 -40.17 4.70
C ASP A 30 -8.64 -39.82 3.33
N THR A 31 -8.83 -40.85 2.48
CA THR A 31 -9.46 -40.62 1.17
C THR A 31 -10.52 -41.64 0.90
N ASP A 32 -11.53 -41.19 0.16
CA ASP A 32 -12.66 -42.04 -0.23
C ASP A 32 -12.30 -42.82 -1.51
N ASP A 33 -13.29 -43.49 -2.07
CA ASP A 33 -13.12 -44.36 -3.26
C ASP A 33 -12.56 -43.68 -4.52
N THR A 34 -12.62 -42.34 -4.52
CA THR A 34 -12.11 -41.55 -5.64
C THR A 34 -10.79 -40.90 -5.27
N ASN A 35 -10.24 -41.29 -4.11
CA ASN A 35 -9.02 -40.69 -3.58
C ASN A 35 -9.25 -39.19 -3.22
N THR A 36 -10.51 -38.79 -2.97
CA THR A 36 -10.77 -37.46 -2.49
C THR A 36 -10.62 -37.40 -0.94
N PRO A 37 -9.85 -36.42 -0.42
CA PRO A 37 -9.69 -36.32 1.04
C PRO A 37 -11.03 -36.23 1.78
N ILE A 38 -11.07 -36.92 2.93
CA ILE A 38 -12.18 -36.90 3.89
C ILE A 38 -11.50 -36.91 5.26
N HIS A 39 -12.25 -36.65 6.33
CA HIS A 39 -11.64 -36.63 7.67
CA HIS A 39 -11.78 -36.38 7.72
C HIS A 39 -10.44 -35.67 7.84
N ILE A 40 -10.48 -34.49 7.17
CA ILE A 40 -9.35 -33.55 7.21
C ILE A 40 -9.24 -32.97 8.62
N GLU A 41 -8.08 -33.09 9.23
CA GLU A 41 -7.84 -32.61 10.61
C GLU A 41 -6.53 -31.85 10.63
N GLU A 42 -6.57 -30.65 11.22
CA GLU A 42 -5.36 -29.85 11.37
C GLU A 42 -4.54 -30.43 12.53
N ILE A 43 -3.30 -30.74 12.26
CA ILE A 43 -2.46 -31.28 13.32
C ILE A 43 -1.34 -30.34 13.76
N TRP A 44 -1.13 -29.25 13.00
CA TRP A 44 -0.09 -28.32 13.28
C TRP A 44 -0.47 -27.01 12.60
N ASN A 45 -0.21 -25.90 13.27
CA ASN A 45 -0.51 -24.55 12.78
C ASN A 45 0.60 -23.69 13.34
N LYS A 46 1.27 -22.90 12.49
CA LYS A 46 2.24 -21.92 12.97
C LYS A 46 2.16 -20.69 12.07
N LYS A 47 2.01 -19.52 12.67
CA LYS A 47 2.00 -18.26 11.96
C LYS A 47 3.28 -17.48 12.25
N ILE A 48 3.94 -16.95 11.22
CA ILE A 48 5.05 -16.00 11.41
C ILE A 48 4.72 -14.68 10.71
N LYS A 49 5.35 -13.59 11.19
CA LYS A 49 5.24 -12.26 10.55
C LYS A 49 6.65 -11.87 10.15
N PRO A 50 6.81 -10.94 9.20
CA PRO A 50 5.73 -10.26 8.44
C PRO A 50 5.38 -11.11 7.20
N GLY A 51 4.68 -10.51 6.22
CA GLY A 51 4.32 -11.22 5.01
C GLY A 51 5.61 -11.53 4.23
N PHE A 52 5.59 -12.63 3.49
CA PHE A 52 6.71 -13.10 2.67
C PHE A 52 7.14 -12.02 1.69
N ALA A 53 6.18 -11.31 1.07
CA ALA A 53 6.52 -10.28 0.08
C ALA A 53 7.14 -9.04 0.72
N SER A 54 7.13 -8.99 2.05
CA SER A 54 7.66 -7.80 2.75
CA SER A 54 7.65 -7.82 2.78
C SER A 54 9.13 -7.96 3.18
N ILE A 55 9.71 -9.16 3.04
CA ILE A 55 11.12 -9.39 3.41
C ILE A 55 12.08 -9.17 2.21
N GLN A 56 13.39 -8.95 2.45
CA GLN A 56 14.34 -8.83 1.33
C GLN A 56 14.64 -10.22 0.75
N PRO A 57 14.46 -10.37 -0.55
CA PRO A 57 14.62 -11.68 -1.19
C PRO A 57 16.11 -12.03 -1.45
N ASN A 58 16.85 -12.26 -0.38
CA ASN A 58 18.19 -12.84 -0.50
C ASN A 58 18.28 -14.15 0.27
N SER A 59 19.34 -14.90 0.06
CA SER A 59 19.45 -16.25 0.61
C SER A 59 19.39 -16.19 2.12
N VAL A 60 20.05 -15.19 2.73
CA VAL A 60 20.12 -15.09 4.21
C VAL A 60 18.76 -14.87 4.85
N THR A 61 18.01 -13.86 4.37
CA THR A 61 16.71 -13.52 4.95
C THR A 61 15.67 -14.60 4.66
N ILE A 62 15.74 -15.25 3.48
CA ILE A 62 14.73 -16.28 3.13
C ILE A 62 14.97 -17.53 3.97
N ASP A 63 16.26 -17.84 4.18
CA ASP A 63 16.63 -18.94 5.07
C ASP A 63 16.07 -18.70 6.49
N ALA A 64 16.30 -17.50 7.02
CA ALA A 64 15.84 -17.18 8.35
C ALA A 64 14.30 -17.34 8.43
N TYR A 65 13.59 -16.83 7.43
CA TYR A 65 12.11 -16.83 7.38
C TYR A 65 11.52 -18.22 7.26
N LEU A 66 11.98 -18.99 6.27
CA LEU A 66 11.54 -20.40 6.13
C LEU A 66 11.93 -21.29 7.34
N THR A 67 13.16 -21.12 7.90
CA THR A 67 13.53 -21.84 9.11
C THR A 67 12.52 -21.52 10.24
N MET A 68 12.22 -20.22 10.44
CA MET A 68 11.31 -19.83 11.51
C MET A 68 9.89 -20.41 11.26
N LEU A 69 9.50 -20.53 9.99
CA LEU A 69 8.16 -21.01 9.68
C LEU A 69 8.10 -22.54 9.85
N LEU A 70 9.16 -23.24 9.43
CA LEU A 70 9.06 -24.72 9.19
C LEU A 70 9.89 -25.61 10.10
N ALA A 71 11.04 -25.13 10.57
CA ALA A 71 11.98 -26.05 11.26
C ALA A 71 11.38 -26.79 12.46
N ASP A 72 10.51 -26.16 13.27
CA ASP A 72 9.97 -26.88 14.49
C ASP A 72 8.67 -27.66 14.24
N ALA A 73 8.26 -27.79 12.98
CA ALA A 73 7.08 -28.59 12.66
C ALA A 73 7.30 -30.04 13.15
N PRO A 74 6.23 -30.71 13.64
CA PRO A 74 6.53 -32.10 14.16
C PRO A 74 6.80 -33.18 13.11
N ILE A 75 6.43 -32.92 11.85
CA ILE A 75 6.47 -33.91 10.77
C ILE A 75 6.97 -33.15 9.51
N HIS A 76 8.06 -33.61 8.86
CA HIS A 76 8.65 -32.85 7.71
C HIS A 76 8.59 -33.63 6.37
N ASN A 77 8.43 -34.96 6.44
CA ASN A 77 8.55 -35.84 5.23
C ASN A 77 7.19 -35.93 4.48
N ILE A 78 6.70 -34.77 4.03
CA ILE A 78 5.33 -34.64 3.47
C ILE A 78 5.36 -33.62 2.35
N PRO A 79 4.35 -33.67 1.43
CA PRO A 79 4.22 -32.66 0.39
C PRO A 79 3.92 -31.30 0.96
N VAL A 80 4.56 -30.28 0.38
CA VAL A 80 4.37 -28.91 0.80
C VAL A 80 3.87 -28.06 -0.37
N TYR A 81 2.78 -27.33 -0.11
CA TYR A 81 2.29 -26.27 -1.03
C TYR A 81 2.49 -24.92 -0.39
N PHE A 82 3.24 -24.04 -1.08
CA PHE A 82 3.51 -22.71 -0.60
C PHE A 82 2.77 -21.79 -1.57
N TYR A 83 1.58 -21.25 -1.16
CA TYR A 83 0.80 -20.41 -2.06
C TYR A 83 0.71 -19.02 -1.46
N ALA A 84 1.23 -18.04 -2.20
CA ALA A 84 1.22 -16.66 -1.76
C ALA A 84 0.03 -16.01 -2.44
N THR A 85 -0.53 -15.04 -1.74
CA THR A 85 -1.72 -14.36 -2.22
C THR A 85 -1.45 -12.89 -2.54
N ALA A 86 -2.32 -11.98 -2.08
CA ALA A 86 -2.27 -10.59 -2.65
C ALA A 86 -1.02 -9.81 -2.30
N GLY A 87 -0.39 -10.09 -1.16
CA GLY A 87 0.92 -9.42 -0.84
C GLY A 87 1.93 -9.62 -1.99
N MET A 88 2.04 -10.82 -2.52
CA MET A 88 2.95 -11.11 -3.66
C MET A 88 2.37 -10.55 -4.97
N ARG A 89 1.03 -10.55 -5.10
CA ARG A 89 0.43 -10.02 -6.34
CA ARG A 89 0.39 -9.97 -6.32
C ARG A 89 0.69 -8.50 -6.56
N LEU A 90 1.04 -7.78 -5.47
CA LEU A 90 1.38 -6.34 -5.57
C LEU A 90 2.72 -6.10 -6.26
N LEU A 91 3.51 -7.15 -6.41
CA LEU A 91 4.86 -7.11 -7.01
C LEU A 91 4.84 -7.60 -8.45
N PRO A 92 5.67 -7.00 -9.31
CA PRO A 92 5.76 -7.56 -10.68
C PRO A 92 6.40 -8.94 -10.71
N GLN A 93 6.14 -9.71 -11.78
CA GLN A 93 6.65 -11.07 -11.87
C GLN A 93 8.17 -11.15 -11.77
N SER A 94 8.85 -10.21 -12.41
CA SER A 94 10.32 -10.11 -12.30
CA SER A 94 10.33 -10.14 -12.30
C SER A 94 10.79 -10.06 -10.84
N GLN A 95 10.06 -9.34 -9.99
CA GLN A 95 10.45 -9.16 -8.57
C GLN A 95 10.03 -10.39 -7.76
N GLN A 96 8.85 -10.95 -8.06
CA GLN A 96 8.43 -12.18 -7.40
C GLN A 96 9.42 -13.35 -7.67
N LYS A 97 9.94 -13.39 -8.90
CA LYS A 97 10.84 -14.51 -9.29
C LYS A 97 12.01 -14.65 -8.33
N LYS A 98 12.49 -13.51 -7.79
CA LYS A 98 13.66 -13.57 -6.91
C LYS A 98 13.31 -14.37 -5.64
N TYR A 99 12.13 -14.08 -5.06
CA TYR A 99 11.61 -14.79 -3.90
C TYR A 99 11.53 -16.30 -4.17
N TYR A 100 10.93 -16.68 -5.32
CA TYR A 100 10.70 -18.09 -5.57
C TYR A 100 11.99 -18.79 -5.93
N ASP A 101 12.91 -18.09 -6.60
CA ASP A 101 14.23 -18.68 -6.90
C ASP A 101 14.93 -19.01 -5.60
N GLU A 102 14.89 -18.07 -4.66
CA GLU A 102 15.56 -18.32 -3.37
C GLU A 102 14.86 -19.39 -2.53
N LEU A 103 13.52 -19.36 -2.52
CA LEU A 103 12.76 -20.37 -1.75
C LEU A 103 13.00 -21.76 -2.38
N ASP A 104 13.02 -21.84 -3.73
CA ASP A 104 13.32 -23.16 -4.40
C ASP A 104 14.67 -23.69 -3.94
N TYR A 105 15.65 -22.83 -3.93
CA TYR A 105 16.99 -23.17 -3.45
C TYR A 105 16.95 -23.69 -2.01
N TRP A 106 16.17 -23.04 -1.15
CA TRP A 106 16.17 -23.44 0.26
C TRP A 106 15.58 -24.82 0.37
N PHE A 107 14.46 -25.06 -0.35
CA PHE A 107 13.85 -26.42 -0.34
C PHE A 107 14.82 -27.50 -0.88
N ARG A 108 15.67 -27.13 -1.84
CA ARG A 108 16.63 -28.09 -2.42
C ARG A 108 17.65 -28.54 -1.41
N GLN A 109 17.85 -27.78 -0.34
CA GLN A 109 18.80 -28.21 0.71
C GLN A 109 18.12 -28.94 1.87
N GLN A 110 16.82 -29.18 1.78
CA GLN A 110 16.04 -29.94 2.79
C GLN A 110 15.94 -31.38 2.27
N SER A 111 16.16 -32.34 3.14
CA SER A 111 16.14 -33.71 2.72
C SER A 111 14.79 -34.37 3.04
N GLN A 112 13.86 -33.65 3.72
CA GLN A 112 12.57 -34.27 4.20
C GLN A 112 11.36 -33.60 3.51
N TRP A 113 11.25 -32.27 3.63
CA TRP A 113 10.13 -31.53 3.03
C TRP A 113 10.06 -31.84 1.55
N GLN A 114 8.84 -32.09 1.03
CA GLN A 114 8.70 -32.41 -0.40
C GLN A 114 7.92 -31.23 -1.08
N LEU A 115 8.64 -30.25 -1.61
CA LEU A 115 8.00 -29.07 -2.20
C LEU A 115 7.30 -29.47 -3.49
N VAL A 116 5.98 -29.40 -3.45
CA VAL A 116 5.19 -29.61 -4.69
C VAL A 116 5.10 -28.36 -5.54
N GLU A 117 4.62 -27.23 -4.97
CA GLU A 117 4.48 -26.00 -5.74
C GLU A 117 4.78 -24.89 -4.76
N ALA A 118 5.51 -23.89 -5.25
CA ALA A 118 5.59 -22.59 -4.54
C ALA A 118 5.30 -21.53 -5.57
N LYS A 119 4.18 -20.79 -5.41
CA LYS A 119 3.83 -19.81 -6.44
C LYS A 119 2.83 -18.85 -5.86
N THR A 120 2.61 -17.78 -6.59
CA THR A 120 1.55 -16.82 -6.29
C THR A 120 0.31 -17.31 -6.98
N ILE A 121 -0.77 -17.46 -6.20
CA ILE A 121 -2.04 -17.86 -6.81
C ILE A 121 -2.84 -16.63 -7.23
N THR A 122 -3.70 -16.78 -8.22
CA THR A 122 -4.55 -15.61 -8.58
C THR A 122 -5.60 -15.46 -7.44
N GLY A 123 -6.18 -14.26 -7.36
CA GLY A 123 -7.33 -13.99 -6.47
C GLY A 123 -8.50 -14.88 -6.80
N ASN A 124 -8.68 -15.25 -8.08
CA ASN A 124 -9.75 -16.23 -8.42
C ASN A 124 -9.56 -17.61 -7.79
N ASP A 125 -8.34 -18.12 -7.84
CA ASP A 125 -8.06 -19.42 -7.21
C ASP A 125 -8.20 -19.33 -5.67
N GLU A 126 -7.72 -18.21 -5.12
CA GLU A 126 -7.86 -17.94 -3.70
C GLU A 126 -9.36 -18.01 -3.27
N ALA A 127 -10.24 -17.33 -4.06
CA ALA A 127 -11.67 -17.36 -3.83
C ALA A 127 -12.22 -18.79 -3.95
N LEU A 128 -11.72 -19.60 -4.89
CA LEU A 128 -12.22 -20.96 -5.02
C LEU A 128 -11.87 -21.70 -3.73
N PHE A 129 -10.63 -21.54 -3.30
CA PHE A 129 -10.15 -22.24 -2.09
C PHE A 129 -10.92 -21.73 -0.86
N ASP A 130 -11.27 -20.42 -0.84
CA ASP A 130 -12.08 -19.84 0.24
C ASP A 130 -13.38 -20.61 0.37
N TRP A 131 -14.07 -20.78 -0.76
CA TRP A 131 -15.40 -21.36 -0.73
C TRP A 131 -15.27 -22.85 -0.33
N LEU A 132 -14.30 -23.56 -0.91
CA LEU A 132 -14.10 -25.01 -0.55
C LEU A 132 -13.82 -25.19 0.92
N ALA A 133 -12.96 -24.34 1.49
CA ALA A 133 -12.55 -24.50 2.89
C ALA A 133 -13.76 -24.32 3.78
N VAL A 134 -14.49 -23.23 3.57
CA VAL A 134 -15.65 -22.94 4.46
C VAL A 134 -16.75 -24.01 4.30
N ASN A 135 -17.06 -24.38 3.06
CA ASN A 135 -18.10 -25.38 2.85
C ASN A 135 -17.66 -26.76 3.34
N TYR A 136 -16.39 -27.05 3.23
CA TYR A 136 -15.89 -28.27 3.85
C TYR A 136 -16.24 -28.27 5.35
N LYS A 137 -15.89 -27.18 6.05
CA LYS A 137 -16.13 -27.08 7.47
C LYS A 137 -17.63 -27.08 7.82
N LEU A 138 -18.48 -26.51 6.98
CA LEU A 138 -19.95 -26.52 7.19
C LEU A 138 -20.57 -27.85 6.80
N ASP A 139 -19.75 -28.75 6.29
CA ASP A 139 -20.19 -30.09 5.82
C ASP A 139 -21.33 -29.97 4.74
N THR A 140 -21.16 -29.05 3.79
CA THR A 140 -22.14 -28.79 2.73
C THR A 140 -21.75 -29.34 1.34
N LEU A 141 -20.60 -30.02 1.26
CA LEU A 141 -20.04 -30.50 -0.01
C LEU A 141 -20.54 -31.89 -0.37
N LYS A 142 -20.94 -32.69 0.64
CA LYS A 142 -21.23 -34.14 0.44
C LYS A 142 -22.53 -34.36 -0.29
N SER A 143 -23.42 -33.36 -0.22
CA SER A 143 -24.70 -33.48 -0.85
C SER A 143 -25.22 -32.16 -1.43
N VAL A 144 -26.16 -32.32 -2.38
CA VAL A 144 -26.81 -31.22 -3.11
C VAL A 144 -27.56 -30.33 -2.13
N GLN A 145 -27.23 -29.04 -2.15
CA GLN A 145 -27.74 -28.09 -1.15
C GLN A 145 -29.07 -27.43 -1.49
N ASN A 146 -29.94 -27.34 -0.48
CA ASN A 146 -31.17 -26.52 -0.53
C ASN A 146 -30.86 -25.04 -0.72
N LYS A 147 -29.81 -24.55 -0.07
CA LYS A 147 -29.55 -23.13 0.02
C LYS A 147 -28.19 -22.76 -0.60
N SER A 148 -28.08 -21.54 -1.12
CA SER A 148 -26.84 -21.04 -1.66
CA SER A 148 -26.82 -21.07 -1.66
C SER A 148 -25.99 -20.48 -0.52
N VAL A 149 -24.74 -20.97 -0.41
CA VAL A 149 -23.77 -20.47 0.59
C VAL A 149 -22.76 -19.56 -0.15
N GLY A 150 -22.67 -18.32 0.28
CA GLY A 150 -21.70 -17.40 -0.29
C GLY A 150 -20.57 -17.24 0.74
N VAL A 151 -19.35 -17.00 0.25
CA VAL A 151 -18.22 -16.78 1.13
C VAL A 151 -17.47 -15.48 0.76
N MET A 152 -17.01 -14.75 1.78
CA MET A 152 -16.22 -13.56 1.59
C MET A 152 -14.95 -13.80 2.41
N ASP A 153 -13.82 -13.31 1.89
CA ASP A 153 -12.54 -13.40 2.65
C ASP A 153 -11.99 -11.97 2.60
N MET A 154 -11.85 -11.39 3.79
CA MET A 154 -11.44 -10.04 4.04
C MET A 154 -9.94 -10.04 4.37
N GLY A 155 -9.06 -9.87 3.38
CA GLY A 155 -7.60 -9.92 3.60
C GLY A 155 -7.00 -8.53 3.77
N GLY A 156 -5.67 -8.47 3.90
CA GLY A 156 -4.92 -7.23 4.04
C GLY A 156 -4.79 -6.43 2.75
N ALA A 157 -4.70 -7.14 1.62
CA ALA A 157 -4.39 -6.50 0.36
C ALA A 157 -5.51 -6.74 -0.68
N SER A 158 -6.16 -7.90 -0.66
CA SER A 158 -7.32 -8.18 -1.57
C SER A 158 -8.51 -8.63 -0.71
N VAL A 159 -9.69 -8.58 -1.32
CA VAL A 159 -10.87 -9.26 -0.73
C VAL A 159 -11.45 -10.12 -1.81
N GLN A 160 -11.99 -11.29 -1.42
CA GLN A 160 -12.65 -12.24 -2.33
C GLN A 160 -14.14 -12.35 -2.01
N ILE A 161 -14.90 -12.63 -3.06
CA ILE A 161 -16.31 -12.98 -2.90
C ILE A 161 -16.52 -14.17 -3.85
N VAL A 162 -17.27 -15.17 -3.40
CA VAL A 162 -17.50 -16.40 -4.18
C VAL A 162 -18.87 -16.97 -3.81
N PHE A 163 -19.63 -17.41 -4.81
CA PHE A 163 -20.99 -17.90 -4.54
C PHE A 163 -21.48 -18.73 -5.72
N PRO A 164 -22.43 -19.64 -5.48
CA PRO A 164 -22.90 -20.47 -6.61
C PRO A 164 -23.53 -19.61 -7.74
N MET A 165 -23.26 -20.01 -8.96
CA MET A 165 -23.82 -19.38 -10.18
C MET A 165 -23.64 -20.40 -11.33
N PRO A 166 -24.74 -20.81 -11.99
CA PRO A 166 -24.57 -21.62 -13.20
C PRO A 166 -23.63 -20.93 -14.25
N LYS A 167 -22.95 -21.72 -15.08
CA LYS A 167 -22.06 -21.23 -16.15
C LYS A 167 -22.75 -20.15 -16.91
N ASN A 168 -22.04 -19.07 -17.12
CA ASN A 168 -22.52 -17.91 -17.82
C ASN A 168 -21.48 -17.52 -18.86
N ALA A 169 -21.76 -17.88 -20.11
CA ALA A 169 -20.87 -17.71 -21.25
C ALA A 169 -20.61 -16.23 -21.57
N GLU A 170 -21.38 -15.33 -20.95
CA GLU A 170 -21.14 -13.88 -21.07
C GLU A 170 -20.17 -13.32 -20.04
N ILE A 171 -19.79 -14.11 -19.03
CA ILE A 171 -18.88 -13.69 -17.95
C ILE A 171 -17.51 -14.33 -18.26
N SER A 172 -16.39 -13.63 -18.00
CA SER A 172 -15.03 -14.22 -18.15
C SER A 172 -14.94 -15.62 -17.53
N LYS A 173 -14.30 -16.52 -18.29
CA LYS A 173 -13.89 -17.87 -17.79
C LYS A 173 -13.12 -17.74 -16.49
N HIS A 174 -12.38 -16.64 -16.34
CA HIS A 174 -11.51 -16.51 -15.14
C HIS A 174 -12.32 -16.35 -13.88
N ASN A 175 -13.54 -15.81 -14.01
CA ASN A 175 -14.46 -15.60 -12.87
C ASN A 175 -15.43 -16.73 -12.58
N GLN A 176 -15.22 -17.90 -13.23
CA GLN A 176 -16.11 -19.04 -13.05
C GLN A 176 -15.33 -20.29 -12.86
N VAL A 177 -15.83 -21.16 -12.01
CA VAL A 177 -15.19 -22.45 -11.87
CA VAL A 177 -15.18 -22.44 -11.72
C VAL A 177 -16.24 -23.54 -11.74
N GLU A 178 -15.96 -24.60 -12.44
CA GLU A 178 -16.84 -25.77 -12.35
C GLU A 178 -16.03 -26.87 -11.68
N LEU A 179 -16.57 -27.45 -10.60
CA LEU A 179 -15.91 -28.60 -9.98
C LEU A 179 -16.88 -29.75 -9.77
N ASN A 180 -16.31 -30.94 -9.65
CA ASN A 180 -17.05 -32.10 -9.23
C ASN A 180 -16.36 -32.61 -8.02
N ILE A 181 -17.10 -32.69 -6.92
CA ILE A 181 -16.50 -33.16 -5.71
C ILE A 181 -17.54 -33.95 -4.98
N TYR A 182 -17.11 -35.10 -4.47
CA TYR A 182 -17.99 -36.01 -3.75
C TYR A 182 -19.22 -36.42 -4.58
N GLY A 183 -19.04 -36.56 -5.89
CA GLY A 183 -20.12 -36.95 -6.81
C GLY A 183 -21.06 -35.82 -7.14
N GLN A 184 -20.77 -34.59 -6.73
CA GLN A 184 -21.61 -33.51 -7.19
C GLN A 184 -20.97 -32.35 -7.93
N ASN A 185 -21.75 -31.79 -8.86
CA ASN A 185 -21.29 -30.80 -9.79
C ASN A 185 -21.63 -29.41 -9.28
N ILE A 186 -20.60 -28.58 -9.10
CA ILE A 186 -20.74 -27.27 -8.48
C ILE A 186 -20.18 -26.23 -9.43
N ASN A 187 -20.94 -25.17 -9.63
CA ASN A 187 -20.51 -24.05 -10.49
C ASN A 187 -20.47 -22.80 -9.63
N LEU A 188 -19.31 -22.12 -9.56
CA LEU A 188 -19.13 -20.94 -8.69
C LEU A 188 -18.72 -19.74 -9.55
N TYR A 189 -19.18 -18.57 -9.14
CA TYR A 189 -18.63 -17.28 -9.53
C TYR A 189 -17.57 -16.93 -8.50
N VAL A 190 -16.38 -16.51 -8.97
CA VAL A 190 -15.28 -16.07 -8.10
C VAL A 190 -14.81 -14.69 -8.52
N HIS A 191 -14.43 -13.87 -7.55
CA HIS A 191 -13.88 -12.57 -7.88
C HIS A 191 -13.00 -12.11 -6.72
N SER A 192 -11.89 -11.48 -7.06
CA SER A 192 -11.01 -10.88 -6.07
C SER A 192 -10.79 -9.42 -6.43
N PHE A 193 -10.71 -8.54 -5.43
CA PHE A 193 -10.46 -7.12 -5.67
C PHE A 193 -9.16 -6.69 -5.06
N LEU A 194 -8.15 -6.56 -5.92
CA LEU A 194 -6.79 -6.25 -5.44
C LEU A 194 -6.74 -4.78 -5.08
N GLY A 195 -6.19 -4.45 -3.89
CA GLY A 195 -6.16 -3.06 -3.43
C GLY A 195 -7.31 -2.76 -2.48
N LEU A 196 -8.33 -3.64 -2.43
CA LEU A 196 -9.43 -3.40 -1.48
C LEU A 196 -9.32 -4.14 -0.13
N GLY A 197 -8.22 -4.85 0.11
CA GLY A 197 -8.00 -5.44 1.43
C GLY A 197 -7.67 -4.31 2.39
N GLN A 198 -7.76 -4.59 3.69
CA GLN A 198 -7.83 -3.49 4.66
C GLN A 198 -6.60 -2.66 4.74
N THR A 199 -5.41 -3.27 4.60
CA THR A 199 -4.17 -2.45 4.70
C THR A 199 -4.12 -1.46 3.50
N GLU A 200 -4.33 -1.97 2.27
CA GLU A 200 -4.16 -1.15 1.03
C GLU A 200 -5.25 -0.09 1.05
N MET A 201 -6.48 -0.47 1.41
CA MET A 201 -7.52 0.53 1.34
CA MET A 201 -7.61 0.49 1.46
C MET A 201 -7.28 1.60 2.41
N SER A 202 -6.76 1.22 3.60
CA SER A 202 -6.60 2.18 4.70
C SER A 202 -5.64 3.29 4.28
N HIS A 203 -4.69 2.97 3.38
CA HIS A 203 -3.68 3.94 3.00
C HIS A 203 -4.22 5.08 2.20
N GLN A 204 -5.50 4.98 1.77
CA GLN A 204 -6.18 6.11 1.02
C GLN A 204 -6.96 6.99 1.94
N PHE A 205 -7.05 6.69 3.25
CA PHE A 205 -8.02 7.43 4.14
C PHE A 205 -7.38 7.84 5.46
N LEU A 206 -6.04 7.77 5.57
CA LEU A 206 -5.41 8.07 6.88
C LEU A 206 -5.51 9.49 7.34
N ASN A 207 -5.75 10.44 6.41
CA ASN A 207 -5.98 11.81 6.78
C ASN A 207 -7.47 12.21 6.66
N SER A 208 -8.36 11.21 6.73
CA SER A 208 -9.81 11.53 6.77
C SER A 208 -10.29 11.62 8.22
N PRO A 209 -10.60 12.84 8.73
CA PRO A 209 -10.97 12.87 10.18
C PRO A 209 -12.25 12.05 10.50
N SER A 210 -13.16 11.90 9.51
CA SER A 210 -14.41 11.10 9.75
C SER A 210 -14.11 9.62 10.06
N CYS A 211 -12.90 9.20 9.68
CA CYS A 211 -12.52 7.76 9.76
C CYS A 211 -11.82 7.36 11.06
N PHE A 212 -11.61 8.30 11.99
CA PHE A 212 -10.83 8.02 13.27
C PHE A 212 -11.52 8.62 14.48
N ALA A 213 -11.25 8.04 15.66
CA ALA A 213 -11.85 8.50 16.89
C ALA A 213 -11.54 9.98 17.09
N ASN A 214 -12.42 10.65 17.81
CA ASN A 214 -12.21 12.08 18.16
C ASN A 214 -10.83 12.30 18.78
N ASP A 215 -10.12 13.24 18.22
CA ASP A 215 -8.78 13.65 18.69
C ASP A 215 -7.66 12.65 18.40
N TYR A 216 -7.97 11.60 17.64
CA TYR A 216 -6.89 10.71 17.18
C TYR A 216 -5.94 11.55 16.32
N PRO A 217 -4.62 11.44 16.56
CA PRO A 217 -3.68 12.26 15.80
C PRO A 217 -3.47 11.73 14.37
N LEU A 218 -3.99 12.44 13.37
CA LEU A 218 -3.80 12.00 11.98
C LEU A 218 -2.38 12.34 11.53
N PRO A 219 -1.88 11.61 10.55
CA PRO A 219 -0.47 11.83 10.10
C PRO A 219 -0.19 13.28 9.70
N ASP A 220 -1.17 13.97 9.12
CA ASP A 220 -0.97 15.35 8.67
C ASP A 220 -1.05 16.39 9.76
N GLY A 221 -1.25 15.95 10.99
CA GLY A 221 -1.32 16.86 12.12
C GLY A 221 -2.74 17.37 12.48
N GLU A 222 -3.78 16.97 11.72
CA GLU A 222 -5.18 17.32 12.06
C GLU A 222 -5.67 16.22 13.03
N SER A 223 -6.87 16.43 13.59
N SER A 223 -6.85 16.41 13.60
CA SER A 223 -7.45 15.51 14.60
CA SER A 223 -7.34 15.43 14.57
C SER A 223 -8.62 14.72 14.05
C SER A 223 -8.59 14.74 14.07
N GLY A 224 -8.72 13.49 14.51
CA GLY A 224 -9.89 12.64 14.21
C GLY A 224 -11.16 13.34 14.67
N GLN A 225 -12.24 13.18 13.90
CA GLN A 225 -13.56 13.62 14.32
CA GLN A 225 -13.57 13.63 14.33
C GLN A 225 -14.53 12.62 13.71
N GLY A 226 -14.63 11.45 14.37
CA GLY A 226 -15.18 10.30 13.66
C GLY A 226 -16.66 10.40 13.37
N ASN A 227 -17.02 9.82 12.23
CA ASN A 227 -18.43 9.71 11.87
C ASN A 227 -18.58 8.60 10.87
N ALA A 228 -19.11 7.46 11.31
CA ALA A 228 -19.01 6.26 10.46
C ALA A 228 -19.76 6.43 9.13
N PRO A 229 -20.99 7.03 9.20
CA PRO A 229 -21.63 7.19 7.89
C PRO A 229 -20.83 8.06 6.88
N SER A 230 -20.12 9.07 7.37
CA SER A 230 -19.28 9.92 6.52
C SER A 230 -18.07 9.14 6.03
N CYS A 231 -17.43 8.38 6.93
CA CYS A 231 -16.28 7.59 6.55
C CYS A 231 -16.71 6.56 5.50
N LYS A 232 -17.83 5.90 5.76
CA LYS A 232 -18.37 4.89 4.84
C LYS A 232 -18.58 5.45 3.41
N GLU A 233 -19.11 6.70 3.33
CA GLU A 233 -19.32 7.33 2.03
C GLU A 233 -17.97 7.54 1.33
N GLU A 234 -16.93 7.91 2.10
CA GLU A 234 -15.58 8.06 1.48
C GLU A 234 -15.06 6.74 0.96
N VAL A 235 -15.22 5.67 1.76
CA VAL A 235 -14.67 4.40 1.34
C VAL A 235 -15.46 3.90 0.10
N THR A 236 -16.78 4.19 0.07
CA THR A 236 -17.62 3.75 -1.07
C THR A 236 -17.10 4.37 -2.36
N SER A 237 -16.50 5.57 -2.29
CA SER A 237 -15.97 6.14 -3.54
CA SER A 237 -15.97 6.16 -3.53
C SER A 237 -14.83 5.28 -4.11
N LEU A 238 -14.03 4.70 -3.22
CA LEU A 238 -12.94 3.78 -3.68
C LEU A 238 -13.58 2.44 -4.23
N MET A 239 -14.63 1.95 -3.54
CA MET A 239 -15.32 0.70 -3.93
C MET A 239 -15.90 0.83 -5.32
N ASN A 240 -16.62 1.94 -5.52
CA ASN A 240 -17.45 2.06 -6.71
C ASN A 240 -16.95 2.98 -7.79
N SER A 241 -16.57 4.20 -7.45
CA SER A 241 -16.08 5.11 -8.49
C SER A 241 -14.78 4.58 -9.05
N VAL A 242 -13.95 3.98 -8.20
CA VAL A 242 -12.64 3.46 -8.66
C VAL A 242 -12.82 2.00 -9.12
N HIS A 243 -13.12 1.06 -8.19
CA HIS A 243 -13.11 -0.36 -8.56
C HIS A 243 -14.35 -0.93 -9.21
N LYS A 244 -15.43 -0.13 -9.28
CA LYS A 244 -16.68 -0.64 -9.86
CA LYS A 244 -16.74 -0.59 -9.80
C LYS A 244 -17.18 -1.93 -9.22
N VAL A 245 -17.02 -2.09 -7.92
CA VAL A 245 -17.50 -3.33 -7.24
C VAL A 245 -19.01 -3.59 -7.51
N ASN A 246 -19.83 -2.61 -7.23
N ASN A 246 -19.79 -2.52 -7.30
CA ASN A 246 -21.24 -2.85 -7.38
CA ASN A 246 -21.26 -2.50 -7.42
C ASN A 246 -21.61 -3.26 -8.83
C ASN A 246 -21.78 -2.99 -8.79
N GLN A 247 -21.11 -2.53 -9.84
CA GLN A 247 -21.42 -2.84 -11.24
C GLN A 247 -21.07 -4.24 -11.62
N GLN A 248 -20.04 -4.79 -10.96
CA GLN A 248 -19.53 -6.13 -11.27
C GLN A 248 -20.32 -7.17 -10.53
N ILE A 249 -20.62 -6.88 -9.27
CA ILE A 249 -21.13 -7.91 -8.37
C ILE A 249 -22.67 -7.91 -8.19
N GLN A 250 -23.26 -6.76 -7.98
N GLN A 250 -23.21 -6.71 -7.99
CA GLN A 250 -24.68 -6.77 -7.66
CA GLN A 250 -24.64 -6.47 -7.68
C GLN A 250 -25.58 -7.47 -8.71
C GLN A 250 -25.67 -7.11 -8.67
N PRO A 251 -25.36 -7.19 -10.00
CA PRO A 251 -26.25 -7.88 -10.97
C PRO A 251 -26.21 -9.40 -10.89
N LEU A 252 -25.04 -9.97 -10.51
CA LEU A 252 -24.93 -11.41 -10.37
C LEU A 252 -25.61 -11.89 -9.09
N LEU A 253 -25.42 -11.19 -7.99
CA LEU A 253 -26.09 -11.56 -6.75
C LEU A 253 -27.62 -11.39 -6.82
N ALA A 254 -28.16 -10.39 -7.52
CA ALA A 254 -29.61 -10.31 -7.60
C ALA A 254 -30.16 -11.53 -8.34
N LEU A 255 -29.41 -12.03 -9.35
CA LEU A 255 -29.86 -13.18 -10.18
C LEU A 255 -29.55 -14.50 -9.54
N ASN A 256 -28.65 -14.49 -8.55
CA ASN A 256 -28.15 -15.72 -7.93
C ASN A 256 -28.09 -15.53 -6.43
N PRO A 257 -29.27 -15.39 -5.78
CA PRO A 257 -29.23 -14.91 -4.38
C PRO A 257 -28.55 -15.91 -3.48
N VAL A 258 -27.88 -15.36 -2.51
CA VAL A 258 -27.20 -16.15 -1.50
C VAL A 258 -28.11 -16.14 -0.27
N ASN A 259 -28.40 -17.33 0.23
CA ASN A 259 -29.15 -17.51 1.49
C ASN A 259 -28.35 -17.41 2.78
N GLU A 260 -27.10 -17.86 2.75
CA GLU A 260 -26.24 -17.80 3.92
C GLU A 260 -24.87 -17.24 3.51
N TRP A 261 -24.44 -16.16 4.20
CA TRP A 261 -23.09 -15.57 4.00
C TRP A 261 -22.15 -15.95 5.14
N TYR A 262 -20.94 -16.33 4.77
CA TYR A 262 -19.87 -16.64 5.75
C TYR A 262 -18.70 -15.77 5.36
N SER A 263 -18.06 -15.19 6.36
N SER A 263 -18.07 -15.13 6.34
CA SER A 263 -16.89 -14.38 6.10
CA SER A 263 -16.88 -14.33 6.06
C SER A 263 -15.71 -14.99 6.86
C SER A 263 -15.68 -14.75 6.92
N ILE A 264 -14.53 -14.89 6.25
CA ILE A 264 -13.28 -15.25 6.94
C ILE A 264 -12.33 -14.05 6.73
N GLY A 265 -11.07 -14.21 7.14
CA GLY A 265 -10.15 -13.07 7.15
C GLY A 265 -10.34 -12.14 8.32
N GLY A 266 -10.11 -10.81 8.13
CA GLY A 266 -10.00 -9.89 9.28
C GLY A 266 -11.25 -9.54 10.04
N ILE A 267 -12.41 -9.74 9.39
CA ILE A 267 -13.63 -9.26 10.04
C ILE A 267 -13.89 -9.99 11.37
N SER A 268 -13.41 -11.25 11.47
CA SER A 268 -13.57 -12.03 12.67
C SER A 268 -12.85 -11.32 13.83
N ASN A 269 -11.66 -10.75 13.56
CA ASN A 269 -10.92 -10.09 14.62
C ASN A 269 -11.59 -8.82 15.07
N LEU A 270 -12.09 -8.01 14.13
CA LEU A 270 -12.82 -6.79 14.50
C LEU A 270 -14.04 -7.14 15.36
N ALA A 271 -14.89 -8.04 14.82
CA ALA A 271 -16.18 -8.33 15.43
C ALA A 271 -16.09 -8.96 16.83
N SER A 272 -14.93 -9.59 17.12
CA SER A 272 -14.73 -10.25 18.39
CA SER A 272 -14.76 -10.24 18.41
C SER A 272 -14.22 -9.28 19.47
N SER A 273 -13.96 -8.02 19.08
CA SER A 273 -13.55 -6.99 20.08
C SER A 273 -14.67 -6.73 21.09
N GLN A 274 -14.29 -6.47 22.34
CA GLN A 274 -15.33 -6.18 23.39
C GLN A 274 -16.10 -4.89 23.11
N LEU A 275 -15.63 -4.07 22.16
CA LEU A 275 -16.36 -2.82 21.80
C LEU A 275 -17.69 -3.18 21.14
N PHE A 276 -17.81 -4.45 20.68
CA PHE A 276 -18.94 -4.88 19.89
C PHE A 276 -19.86 -5.82 20.65
N HIS A 277 -21.11 -5.86 20.26
CA HIS A 277 -22.11 -6.76 20.89
C HIS A 277 -22.65 -7.60 19.75
N PHE A 278 -22.08 -8.80 19.61
CA PHE A 278 -22.56 -9.75 18.61
C PHE A 278 -22.72 -11.09 19.27
N GLU A 279 -23.69 -11.87 18.83
CA GLU A 279 -23.94 -13.22 19.42
C GLU A 279 -23.80 -14.24 18.31
N ASN A 280 -23.55 -15.49 18.68
CA ASN A 280 -23.68 -16.62 17.75
C ASN A 280 -22.69 -16.50 16.60
N SER A 281 -21.57 -15.77 16.80
CA SER A 281 -20.56 -15.53 15.70
C SER A 281 -21.23 -15.00 14.41
N GLU A 282 -22.17 -14.06 14.61
CA GLU A 282 -22.73 -13.40 13.45
C GLU A 282 -22.94 -11.92 13.67
N LEU A 283 -23.06 -11.18 12.57
CA LEU A 283 -23.22 -9.76 12.69
C LEU A 283 -24.17 -9.34 11.60
N THR A 284 -24.63 -8.09 11.64
CA THR A 284 -25.20 -7.51 10.45
C THR A 284 -24.39 -6.24 10.16
N ASN A 285 -24.40 -5.81 8.90
CA ASN A 285 -23.69 -4.58 8.54
C ASN A 285 -24.25 -3.36 9.30
N GLN A 286 -25.57 -3.30 9.45
N GLN A 286 -25.58 -3.33 9.42
CA GLN A 286 -26.17 -2.14 10.14
CA GLN A 286 -26.28 -2.26 10.16
C GLN A 286 -25.78 -2.07 11.63
C GLN A 286 -25.66 -2.11 11.55
N SER A 287 -25.61 -3.24 12.26
CA SER A 287 -25.20 -3.27 13.61
C SER A 287 -23.70 -2.91 13.76
N LEU A 288 -22.89 -3.45 12.84
CA LEU A 288 -21.46 -3.19 12.86
C LEU A 288 -21.20 -1.66 12.70
N LEU A 289 -21.85 -1.04 11.70
CA LEU A 289 -21.68 0.42 11.46
C LEU A 289 -22.18 1.25 12.63
N GLN A 290 -23.39 0.94 13.16
CA GLN A 290 -23.94 1.73 14.27
C GLN A 290 -23.05 1.59 15.51
N GLN A 291 -22.60 0.37 15.78
CA GLN A 291 -21.77 0.13 16.96
C GLN A 291 -20.38 0.82 16.81
N GLY A 292 -19.81 0.72 15.60
CA GLY A 292 -18.54 1.36 15.32
C GLY A 292 -18.68 2.87 15.49
N ASP A 293 -19.79 3.41 14.94
CA ASP A 293 -20.00 4.83 14.99
C ASP A 293 -20.11 5.30 16.46
N ASN A 294 -20.89 4.56 17.28
CA ASN A 294 -21.23 5.04 18.62
C ASN A 294 -20.13 4.77 19.62
N GLN A 295 -19.49 3.60 19.54
CA GLN A 295 -18.51 3.19 20.59
C GLN A 295 -17.07 3.55 20.21
N ILE A 296 -16.82 3.94 18.96
CA ILE A 296 -15.44 4.22 18.53
C ILE A 296 -15.31 5.59 17.83
N CYS A 297 -16.02 5.80 16.72
CA CYS A 297 -15.86 7.03 15.92
C CYS A 297 -16.13 8.27 16.81
N HIS A 298 -17.21 8.21 17.62
CA HIS A 298 -17.64 9.35 18.38
C HIS A 298 -17.12 9.35 19.81
N GLN A 299 -16.06 8.59 20.05
CA GLN A 299 -15.47 8.55 21.41
C GLN A 299 -14.08 9.16 21.36
N GLN A 300 -13.52 9.47 22.52
CA GLN A 300 -12.26 10.20 22.55
CA GLN A 300 -12.25 10.19 22.62
C GLN A 300 -11.11 9.19 22.51
N TRP A 301 -10.16 9.44 21.62
CA TRP A 301 -9.08 8.54 21.33
C TRP A 301 -8.28 8.14 22.59
N ASP A 302 -7.84 9.14 23.38
CA ASP A 302 -6.99 8.83 24.55
C ASP A 302 -7.73 7.88 25.53
N ILE A 303 -9.03 8.11 25.69
CA ILE A 303 -9.89 7.28 26.52
C ILE A 303 -9.97 5.86 25.96
N LEU A 304 -10.35 5.71 24.69
CA LEU A 304 -10.35 4.40 24.03
C LEU A 304 -9.03 3.66 24.16
N ASN A 305 -7.91 4.32 23.86
CA ASN A 305 -6.66 3.63 23.87
C ASN A 305 -6.30 3.03 25.27
N GLY A 306 -6.57 3.78 26.37
CA GLY A 306 -6.31 3.26 27.74
C GLY A 306 -7.33 2.22 28.18
N GLN A 307 -8.51 2.25 27.57
CA GLN A 307 -9.64 1.46 27.98
C GLN A 307 -9.59 0.04 27.36
N TYR A 308 -8.89 -0.11 26.22
CA TYR A 308 -8.86 -1.41 25.51
C TYR A 308 -7.42 -1.73 25.20
N PRO A 309 -6.61 -2.01 26.25
CA PRO A 309 -5.19 -2.24 26.04
C PRO A 309 -4.84 -3.50 25.22
N ASP A 310 -5.77 -4.42 24.99
CA ASP A 310 -5.48 -5.61 24.27
C ASP A 310 -5.88 -5.52 22.77
N ASP A 311 -6.48 -4.39 22.34
CA ASP A 311 -6.92 -4.26 20.95
C ASP A 311 -5.85 -3.51 20.20
N GLU A 312 -4.87 -4.24 19.70
CA GLU A 312 -3.73 -3.66 18.97
C GLU A 312 -4.16 -2.69 17.84
N TYR A 313 -5.24 -3.04 17.13
CA TYR A 313 -5.63 -2.28 15.95
C TYR A 313 -6.82 -1.35 16.18
N LEU A 314 -7.04 -1.05 17.46
CA LEU A 314 -8.13 -0.18 17.91
C LEU A 314 -8.22 1.13 17.12
N TYR A 315 -7.05 1.68 16.82
CA TYR A 315 -7.00 2.98 16.11
C TYR A 315 -7.74 2.92 14.76
N GLN A 316 -7.86 1.71 14.17
CA GLN A 316 -8.51 1.53 12.87
C GLN A 316 -9.94 1.11 12.97
N TYR A 317 -10.49 0.96 14.17
CA TYR A 317 -11.83 0.34 14.23
C TYR A 317 -12.97 1.18 13.65
N CYS A 318 -12.86 2.48 13.82
CA CYS A 318 -13.88 3.35 13.19
C CYS A 318 -13.83 3.14 11.64
N LEU A 319 -12.60 3.21 11.10
CA LEU A 319 -12.43 3.09 9.65
C LEU A 319 -12.89 1.67 9.21
N LEU A 320 -12.52 0.62 9.95
CA LEU A 320 -12.84 -0.70 9.48
C LEU A 320 -14.33 -1.00 9.53
N SER A 321 -15.03 -0.51 10.58
CA SER A 321 -16.50 -0.68 10.69
CA SER A 321 -16.49 -0.75 10.62
C SER A 321 -17.15 -0.07 9.42
N SER A 322 -16.70 1.16 9.08
CA SER A 322 -17.17 1.92 7.87
C SER A 322 -16.82 1.16 6.59
N TYR A 323 -15.58 0.62 6.53
CA TYR A 323 -15.08 -0.01 5.35
C TYR A 323 -15.86 -1.32 5.06
N TYR A 324 -16.09 -2.11 6.12
CA TYR A 324 -16.78 -3.38 5.87
C TYR A 324 -18.18 -3.12 5.31
N TYR A 325 -18.85 -2.13 5.92
CA TYR A 325 -20.20 -1.75 5.45
C TYR A 325 -20.11 -1.22 3.97
N ALA A 326 -19.18 -0.30 3.70
CA ALA A 326 -18.99 0.16 2.31
C ALA A 326 -18.83 -1.00 1.31
N LEU A 327 -18.01 -1.97 1.69
CA LEU A 327 -17.73 -3.12 0.83
C LEU A 327 -18.96 -4.02 0.62
N MET A 328 -19.53 -4.48 1.74
CA MET A 328 -20.62 -5.48 1.69
C MET A 328 -21.94 -4.90 1.22
N VAL A 329 -22.28 -3.69 1.69
CA VAL A 329 -23.61 -3.14 1.42
C VAL A 329 -23.52 -2.28 0.14
N ASP A 330 -22.68 -1.21 0.14
CA ASP A 330 -22.61 -0.35 -1.06
C ASP A 330 -21.93 -1.02 -2.27
N GLY A 331 -21.02 -1.99 -1.98
CA GLY A 331 -20.29 -2.66 -3.05
C GLY A 331 -21.10 -3.85 -3.50
N TYR A 332 -21.12 -4.89 -2.69
CA TYR A 332 -21.77 -6.14 -3.10
C TYR A 332 -23.30 -6.08 -3.18
N GLY A 333 -23.89 -5.10 -2.54
CA GLY A 333 -25.37 -4.91 -2.53
C GLY A 333 -26.04 -5.75 -1.44
N ILE A 334 -25.27 -6.33 -0.48
CA ILE A 334 -25.88 -7.16 0.59
C ILE A 334 -26.80 -6.26 1.44
N ASN A 335 -27.96 -6.76 1.81
CA ASN A 335 -28.86 -5.97 2.65
C ASN A 335 -28.20 -5.67 4.03
N PRO A 336 -28.36 -4.46 4.58
CA PRO A 336 -27.59 -4.22 5.83
C PRO A 336 -28.06 -4.97 7.05
N ASN A 337 -29.25 -5.57 6.96
CA ASN A 337 -29.82 -6.37 8.07
C ASN A 337 -29.64 -7.88 7.85
N GLN A 338 -28.96 -8.24 6.77
N GLN A 338 -29.02 -8.28 6.75
CA GLN A 338 -28.61 -9.61 6.47
CA GLN A 338 -28.78 -9.71 6.52
C GLN A 338 -27.59 -10.13 7.52
C GLN A 338 -27.59 -10.23 7.37
N THR A 339 -27.84 -11.31 8.09
CA THR A 339 -26.80 -11.99 8.90
C THR A 339 -25.56 -12.35 8.05
N ILE A 340 -24.40 -11.96 8.57
CA ILE A 340 -23.09 -12.38 8.08
C ILE A 340 -22.49 -13.25 9.20
N HIS A 341 -22.28 -14.54 8.93
CA HIS A 341 -21.57 -15.39 9.90
C HIS A 341 -20.12 -15.11 9.74
N TYR A 342 -19.43 -15.04 10.86
CA TYR A 342 -18.00 -15.07 10.80
C TYR A 342 -17.45 -16.26 11.60
N ILE A 343 -16.23 -16.60 11.30
CA ILE A 343 -15.68 -17.86 11.85
C ILE A 343 -14.99 -17.39 13.12
N PRO A 344 -15.24 -18.04 14.31
CA PRO A 344 -14.54 -17.62 15.53
C PRO A 344 -13.03 -17.54 15.22
N PRO A 345 -12.37 -16.43 15.62
CA PRO A 345 -10.98 -16.28 15.15
C PRO A 345 -10.06 -17.44 15.71
N GLU A 346 -10.33 -17.93 16.93
CA GLU A 346 -9.53 -19.03 17.50
C GLU A 346 -9.51 -20.29 16.63
N GLN A 347 -10.33 -20.35 15.57
CA GLN A 347 -10.28 -21.49 14.67
C GLN A 347 -9.18 -21.36 13.59
N ASN A 348 -8.73 -20.12 13.36
CA ASN A 348 -7.71 -19.88 12.30
C ASN A 348 -8.13 -20.47 10.95
N LEU A 349 -9.43 -20.39 10.63
CA LEU A 349 -9.93 -20.86 9.34
C LEU A 349 -9.48 -19.92 8.21
N ASP A 350 -8.64 -20.43 7.32
CA ASP A 350 -8.27 -19.73 6.10
C ASP A 350 -8.65 -20.64 4.92
N TRP A 351 -8.16 -20.35 3.72
CA TRP A 351 -8.58 -21.14 2.52
C TRP A 351 -7.79 -22.42 2.30
N THR A 352 -6.81 -22.71 3.22
CA THR A 352 -5.86 -23.84 2.93
C THR A 352 -6.51 -25.23 2.79
N ILE A 353 -7.63 -25.48 3.49
CA ILE A 353 -8.30 -26.80 3.30
C ILE A 353 -8.77 -26.95 1.85
N GLY A 354 -9.06 -25.82 1.21
CA GLY A 354 -9.40 -25.82 -0.24
C GLY A 354 -8.33 -26.46 -1.10
N VAL A 355 -7.06 -26.23 -0.73
CA VAL A 355 -5.93 -26.77 -1.53
C VAL A 355 -5.92 -28.29 -1.36
N VAL A 356 -6.16 -28.74 -0.13
CA VAL A 356 -6.11 -30.19 0.18
C VAL A 356 -7.18 -30.90 -0.68
N LEU A 357 -8.38 -30.32 -0.74
CA LEU A 357 -9.45 -30.88 -1.58
C LEU A 357 -9.18 -30.76 -3.06
N HIS A 358 -8.78 -29.58 -3.49
CA HIS A 358 -8.73 -29.27 -4.92
C HIS A 358 -7.67 -30.04 -5.69
N ARG A 359 -6.51 -30.25 -5.08
CA ARG A 359 -5.43 -30.87 -5.79
C ARG A 359 -5.82 -32.38 -6.06
N ALA A 360 -6.79 -32.96 -5.30
CA ALA A 360 -7.23 -34.35 -5.55
C ALA A 360 -8.26 -34.46 -6.66
N LEU A 361 -8.91 -33.36 -7.00
CA LEU A 361 -9.86 -33.36 -8.08
C LEU A 361 -9.04 -33.29 -9.36
N ASN B 4 39.08 18.05 5.01
CA ASN B 4 37.82 18.03 5.85
C ASN B 4 37.16 19.43 6.00
N PRO B 5 36.09 19.65 5.23
CA PRO B 5 35.40 20.95 5.13
C PRO B 5 34.74 21.38 6.47
N CYS B 6 34.50 20.40 7.33
CA CYS B 6 33.75 20.62 8.56
C CYS B 6 34.62 21.17 9.68
N GLU B 7 35.94 21.16 9.45
CA GLU B 7 36.89 21.88 10.30
C GLU B 7 36.82 23.41 10.07
N LYS B 8 36.26 23.85 8.93
CA LYS B 8 36.25 25.29 8.59
C LYS B 8 34.87 25.86 8.30
N HIS B 9 33.86 25.00 8.33
CA HIS B 9 32.47 25.37 8.05
C HIS B 9 31.58 24.54 8.93
N SER B 10 30.37 25.06 9.18
CA SER B 10 29.30 24.27 9.82
C SER B 10 28.91 23.09 8.93
N CYS B 11 28.80 21.90 9.57
CA CYS B 11 28.24 20.71 8.91
C CYS B 11 27.13 20.05 9.70
N ILE B 12 26.13 19.53 8.98
CA ILE B 12 25.08 18.71 9.60
C ILE B 12 24.82 17.57 8.64
N ALA B 13 24.27 16.48 9.20
CA ALA B 13 23.80 15.35 8.38
C ALA B 13 22.26 15.43 8.43
N VAL B 14 21.64 15.21 7.29
CA VAL B 14 20.15 15.13 7.19
C VAL B 14 19.86 13.85 6.44
N ILE B 15 19.01 12.99 7.04
CA ILE B 15 18.61 11.73 6.44
C ILE B 15 17.15 11.86 6.03
N ASP B 16 16.91 11.69 4.74
CA ASP B 16 15.58 11.56 4.17
C ASP B 16 15.18 10.12 4.21
N ALA B 17 14.33 9.80 5.18
CA ALA B 17 13.91 8.41 5.37
C ALA B 17 12.56 8.26 4.68
N GLY B 18 12.59 7.97 3.38
CA GLY B 18 11.35 7.92 2.54
C GLY B 18 10.83 6.49 2.42
N SER B 19 9.72 6.34 1.70
CA SER B 19 9.06 5.03 1.63
C SER B 19 9.89 3.95 0.92
N THR B 20 10.82 4.37 0.01
CA THR B 20 11.57 3.45 -0.87
C THR B 20 13.02 3.25 -0.43
N GLY B 21 13.48 4.06 0.54
CA GLY B 21 14.86 3.93 1.01
C GLY B 21 15.22 5.13 1.85
N SER B 22 16.46 5.17 2.35
CA SER B 22 16.91 6.33 3.14
C SER B 22 18.09 6.96 2.42
N ARG B 23 18.12 8.31 2.30
CA ARG B 23 19.28 8.97 1.69
C ARG B 23 19.92 9.86 2.78
N LEU B 24 21.16 9.56 3.12
CA LEU B 24 21.94 10.42 4.00
C LEU B 24 22.58 11.51 3.15
N HIS B 25 22.52 12.77 3.62
CA HIS B 25 23.32 13.87 3.02
C HIS B 25 24.14 14.48 4.15
N ILE B 26 25.40 14.80 3.85
CA ILE B 26 26.17 15.67 4.72
C ILE B 26 26.38 16.99 3.99
N TYR B 27 25.98 18.07 4.67
CA TYR B 27 26.12 19.41 4.10
C TYR B 27 27.08 20.27 4.91
N SER B 28 27.92 21.02 4.19
CA SER B 28 28.76 22.10 4.78
C SER B 28 28.08 23.43 4.40
N TYR B 29 28.21 24.46 5.24
CA TYR B 29 27.64 25.77 4.95
C TYR B 29 28.29 26.81 5.83
N ASP B 30 28.20 28.07 5.41
CA ASP B 30 28.48 29.20 6.24
C ASP B 30 27.14 29.84 6.62
N THR B 31 27.19 30.94 7.38
CA THR B 31 25.91 31.58 7.71
C THR B 31 26.09 33.06 7.50
N ASP B 32 25.00 33.73 7.14
CA ASP B 32 25.05 35.18 6.98
C ASP B 32 24.94 35.89 8.38
N ASP B 33 24.82 37.22 8.45
CA ASP B 33 24.79 37.83 9.80
C ASP B 33 23.48 37.60 10.60
N THR B 34 22.49 36.94 9.97
CA THR B 34 21.30 36.51 10.72
C THR B 34 21.44 35.04 11.19
N ASN B 35 22.62 34.43 10.96
CA ASN B 35 22.90 33.01 11.22
C ASN B 35 22.10 32.07 10.31
N THR B 36 21.64 32.62 9.17
CA THR B 36 20.96 31.76 8.17
C THR B 36 21.97 31.14 7.23
N PRO B 37 21.85 29.79 6.98
CA PRO B 37 22.82 29.18 6.06
C PRO B 37 22.93 29.82 4.66
N ILE B 38 24.18 29.87 4.19
CA ILE B 38 24.52 30.29 2.85
C ILE B 38 25.66 29.37 2.35
N HIS B 39 25.93 29.37 1.03
CA HIS B 39 27.03 28.55 0.49
C HIS B 39 26.84 27.08 0.84
N ILE B 40 25.60 26.57 0.77
CA ILE B 40 25.34 25.19 1.17
C ILE B 40 25.95 24.29 0.10
N GLU B 41 26.82 23.37 0.53
CA GLU B 41 27.38 22.34 -0.32
C GLU B 41 27.20 20.93 0.22
N GLU B 42 26.76 20.06 -0.66
CA GLU B 42 26.70 18.64 -0.33
C GLU B 42 28.08 18.00 -0.43
N ILE B 43 28.59 17.46 0.69
CA ILE B 43 29.91 16.84 0.69
C ILE B 43 29.84 15.30 0.70
N TRP B 44 28.65 14.74 0.95
CA TRP B 44 28.46 13.30 0.97
C TRP B 44 26.99 12.97 0.80
N ASN B 45 26.72 11.90 0.05
CA ASN B 45 25.39 11.47 -0.25
C ASN B 45 25.48 9.95 -0.29
N LYS B 46 24.63 9.25 0.44
CA LYS B 46 24.52 7.79 0.31
C LYS B 46 23.07 7.38 0.45
N LYS B 47 22.61 6.54 -0.47
CA LYS B 47 21.27 5.99 -0.40
C LYS B 47 21.33 4.51 -0.06
N ILE B 48 20.44 4.05 0.84
CA ILE B 48 20.27 2.59 1.05
C ILE B 48 18.81 2.20 0.93
N LYS B 49 18.59 0.92 0.60
CA LYS B 49 17.26 0.33 0.47
C LYS B 49 17.10 -0.82 1.48
N PRO B 50 15.85 -1.15 1.82
CA PRO B 50 14.53 -0.61 1.48
C PRO B 50 14.24 0.58 2.41
N GLY B 51 12.98 1.03 2.45
CA GLY B 51 12.57 2.13 3.33
C GLY B 51 12.68 1.69 4.81
N PHE B 52 12.93 2.64 5.67
CA PHE B 52 13.14 2.35 7.08
C PHE B 52 11.87 1.71 7.66
N ALA B 53 10.68 2.23 7.28
CA ALA B 53 9.37 1.70 7.77
C ALA B 53 9.13 0.26 7.37
N SER B 54 9.91 -0.26 6.42
CA SER B 54 9.67 -1.59 5.88
CA SER B 54 9.69 -1.58 5.88
C SER B 54 10.55 -2.65 6.55
N ILE B 55 11.48 -2.23 7.46
CA ILE B 55 12.29 -3.23 8.18
C ILE B 55 11.63 -3.63 9.49
N GLN B 56 11.97 -4.82 10.01
CA GLN B 56 11.48 -5.22 11.33
C GLN B 56 12.17 -4.31 12.38
N PRO B 57 11.38 -3.71 13.27
CA PRO B 57 11.89 -2.77 14.27
C PRO B 57 12.49 -3.51 15.46
N ASN B 58 13.67 -4.10 15.31
CA ASN B 58 14.29 -4.74 16.46
C ASN B 58 15.75 -4.30 16.46
N SER B 59 16.49 -4.54 17.57
CA SER B 59 17.81 -3.93 17.67
C SER B 59 18.81 -4.49 16.62
N VAL B 60 18.80 -5.80 16.38
CA VAL B 60 19.67 -6.37 15.34
C VAL B 60 19.47 -5.70 13.94
N THR B 61 18.22 -5.62 13.48
CA THR B 61 17.89 -5.11 12.14
CA THR B 61 17.92 -5.12 12.13
C THR B 61 18.17 -3.62 12.02
N ILE B 62 17.80 -2.87 13.06
CA ILE B 62 18.04 -1.44 13.04
CA ILE B 62 18.03 -1.44 13.03
C ILE B 62 19.53 -1.14 13.07
N ASP B 63 20.29 -1.91 13.87
CA ASP B 63 21.76 -1.74 13.87
C ASP B 63 22.37 -1.97 12.45
N ALA B 64 21.98 -3.06 11.78
CA ALA B 64 22.49 -3.35 10.44
C ALA B 64 22.13 -2.24 9.47
N TYR B 65 20.88 -1.74 9.56
CA TYR B 65 20.41 -0.70 8.65
C TYR B 65 21.18 0.60 8.86
N LEU B 66 21.26 1.06 10.12
CA LEU B 66 21.97 2.32 10.40
C LEU B 66 23.48 2.24 10.14
N THR B 67 24.06 1.07 10.37
CA THR B 67 25.50 0.88 10.04
C THR B 67 25.74 1.06 8.53
N MET B 68 24.89 0.41 7.73
CA MET B 68 24.91 0.54 6.30
C MET B 68 24.74 1.97 5.81
N LEU B 69 23.86 2.73 6.47
CA LEU B 69 23.56 4.10 6.03
C LEU B 69 24.75 5.01 6.34
N LEU B 70 25.37 4.83 7.52
CA LEU B 70 26.23 5.85 8.06
C LEU B 70 27.70 5.45 8.13
N ALA B 71 28.00 4.16 8.29
CA ALA B 71 29.35 3.77 8.77
C ALA B 71 30.49 4.29 7.89
N ASP B 72 30.28 4.35 6.58
CA ASP B 72 31.36 4.74 5.63
C ASP B 72 31.39 6.23 5.19
N ALA B 73 30.57 7.08 5.83
CA ALA B 73 30.62 8.54 5.68
C ALA B 73 32.05 9.04 5.98
N PRO B 74 32.65 9.89 5.10
CA PRO B 74 34.07 10.33 5.34
C PRO B 74 34.17 11.34 6.49
N ILE B 75 33.03 11.77 6.98
CA ILE B 75 32.98 12.75 8.02
C ILE B 75 31.99 12.20 9.02
N HIS B 76 32.39 12.18 10.27
CA HIS B 76 31.38 12.08 11.29
C HIS B 76 31.70 13.15 12.35
N ASN B 77 31.23 12.88 13.54
CA ASN B 77 31.20 13.84 14.63
C ASN B 77 30.44 15.07 14.28
N ILE B 78 29.25 14.85 13.72
CA ILE B 78 28.39 15.98 13.38
C ILE B 78 26.97 15.73 13.84
N PRO B 79 26.17 16.79 13.95
CA PRO B 79 24.75 16.69 14.29
C PRO B 79 23.97 15.93 13.17
N VAL B 80 23.01 15.12 13.57
CA VAL B 80 22.19 14.30 12.60
C VAL B 80 20.71 14.60 12.81
N TYR B 81 20.03 14.88 11.70
CA TYR B 81 18.56 15.00 11.67
C TYR B 81 18.02 13.80 10.89
N PHE B 82 17.21 12.94 11.52
CA PHE B 82 16.65 11.79 10.83
C PHE B 82 15.16 12.03 10.68
N TYR B 83 14.72 12.36 9.46
CA TYR B 83 13.34 12.74 9.25
C TYR B 83 12.68 11.74 8.31
N ALA B 84 11.68 11.01 8.81
CA ALA B 84 10.94 10.07 7.99
C ALA B 84 9.69 10.71 7.41
N THR B 85 9.30 10.16 6.25
CA THR B 85 8.20 10.77 5.49
C THR B 85 7.03 9.78 5.37
N ALA B 86 6.40 9.71 4.20
CA ALA B 86 5.10 9.03 4.08
C ALA B 86 5.17 7.52 4.41
N GLY B 87 6.33 6.87 4.13
CA GLY B 87 6.46 5.40 4.51
C GLY B 87 6.11 5.20 5.98
N MET B 88 6.65 6.06 6.85
CA MET B 88 6.39 5.94 8.28
C MET B 88 4.98 6.45 8.59
N ARG B 89 4.51 7.48 7.88
CA ARG B 89 3.14 7.98 8.15
CA ARG B 89 3.11 7.98 8.06
C ARG B 89 2.04 6.95 7.88
N LEU B 90 2.37 5.88 7.13
CA LEU B 90 1.39 4.81 6.85
C LEU B 90 1.21 3.88 8.07
N LEU B 91 2.07 4.05 9.07
CA LEU B 91 2.04 3.25 10.26
C LEU B 91 1.41 4.05 11.43
N PRO B 92 0.64 3.40 12.28
CA PRO B 92 0.18 4.09 13.51
C PRO B 92 1.33 4.50 14.44
N GLN B 93 1.11 5.55 15.23
CA GLN B 93 2.16 6.12 16.09
C GLN B 93 2.72 5.07 17.01
N SER B 94 1.85 4.23 17.54
CA SER B 94 2.28 3.11 18.40
C SER B 94 3.34 2.20 17.73
N GLN B 95 3.20 1.94 16.42
CA GLN B 95 4.16 1.11 15.68
CA GLN B 95 4.16 1.12 15.65
C GLN B 95 5.42 1.93 15.34
N GLN B 96 5.23 3.19 14.94
CA GLN B 96 6.39 4.07 14.69
C GLN B 96 7.30 4.21 15.94
N LYS B 97 6.70 4.22 17.12
CA LYS B 97 7.42 4.45 18.41
C LYS B 97 8.47 3.35 18.56
N LYS B 98 8.14 2.13 18.08
CA LYS B 98 9.10 1.01 18.28
C LYS B 98 10.36 1.29 17.47
N TYR B 99 10.18 1.79 16.26
CA TYR B 99 11.30 2.16 15.39
C TYR B 99 12.14 3.25 16.06
N TYR B 100 11.50 4.31 16.53
CA TYR B 100 12.25 5.43 17.11
C TYR B 100 12.95 5.06 18.43
N ASP B 101 12.29 4.23 19.26
CA ASP B 101 12.93 3.76 20.50
C ASP B 101 14.28 3.03 20.16
N GLU B 102 14.22 2.14 19.18
CA GLU B 102 15.39 1.38 18.79
C GLU B 102 16.43 2.28 18.15
N LEU B 103 15.99 3.22 17.30
CA LEU B 103 16.91 4.11 16.62
C LEU B 103 17.60 5.01 17.69
N ASP B 104 16.83 5.51 18.64
CA ASP B 104 17.38 6.39 19.71
C ASP B 104 18.44 5.61 20.49
N TYR B 105 18.09 4.39 20.79
CA TYR B 105 19.05 3.49 21.54
C TYR B 105 20.36 3.31 20.74
N TRP B 106 20.24 2.99 19.44
CA TRP B 106 21.41 2.84 18.55
C TRP B 106 22.30 4.10 18.61
N PHE B 107 21.73 5.30 18.41
CA PHE B 107 22.54 6.48 18.51
C PHE B 107 23.16 6.70 19.92
N ARG B 108 22.42 6.41 21.01
CA ARG B 108 22.99 6.56 22.39
C ARG B 108 24.14 5.61 22.61
N GLN B 109 24.12 4.46 21.91
CA GLN B 109 25.13 3.39 22.10
C GLN B 109 26.39 3.64 21.27
N GLN B 110 26.46 4.79 20.59
CA GLN B 110 27.67 5.10 19.85
C GLN B 110 28.07 6.54 20.11
N SER B 111 29.24 6.93 19.55
CA SER B 111 29.87 8.22 19.75
C SER B 111 30.22 9.01 18.44
N GLN B 112 30.05 8.41 17.25
CA GLN B 112 30.50 9.05 15.95
C GLN B 112 29.51 10.08 15.33
N TRP B 113 28.27 10.05 15.85
CA TRP B 113 27.12 10.85 15.39
C TRP B 113 26.41 11.49 16.56
N GLN B 114 26.00 12.75 16.40
CA GLN B 114 25.23 13.43 17.46
C GLN B 114 23.81 13.55 16.99
N LEU B 115 22.93 12.65 17.43
CA LEU B 115 21.52 12.73 17.02
C LEU B 115 20.82 13.93 17.63
N VAL B 116 20.29 14.77 16.77
CA VAL B 116 19.57 15.96 17.24
C VAL B 116 18.10 15.63 17.34
N GLU B 117 17.51 15.12 16.24
CA GLU B 117 16.06 14.82 16.17
CA GLU B 117 16.11 14.73 16.27
C GLU B 117 15.90 13.56 15.31
N ALA B 118 15.02 12.62 15.68
CA ALA B 118 14.61 11.55 14.78
C ALA B 118 13.09 11.48 14.93
N LYS B 119 12.40 11.77 13.84
CA LYS B 119 10.95 11.82 13.93
C LYS B 119 10.32 11.73 12.55
N THR B 120 9.02 11.42 12.53
CA THR B 120 8.26 11.44 11.27
C THR B 120 7.72 12.87 11.12
N ILE B 121 8.01 13.50 10.00
CA ILE B 121 7.51 14.89 9.75
C ILE B 121 6.17 14.78 9.03
N THR B 122 5.32 15.81 9.17
CA THR B 122 4.06 15.84 8.42
C THR B 122 4.36 16.08 6.94
N GLY B 123 3.40 15.69 6.10
CA GLY B 123 3.49 15.98 4.65
C GLY B 123 3.58 17.51 4.44
N ASN B 124 2.95 18.31 5.33
CA ASN B 124 2.99 19.80 5.17
C ASN B 124 4.41 20.32 5.38
N ASP B 125 5.09 19.75 6.39
CA ASP B 125 6.49 20.11 6.64
C ASP B 125 7.39 19.66 5.50
N GLU B 126 7.14 18.42 5.02
CA GLU B 126 7.87 17.90 3.87
C GLU B 126 7.67 18.87 2.64
N ALA B 127 6.44 19.33 2.41
CA ALA B 127 6.16 20.29 1.32
C ALA B 127 6.91 21.61 1.48
N LEU B 128 6.94 22.11 2.73
CA LEU B 128 7.75 23.29 3.03
C LEU B 128 9.22 23.06 2.64
N PHE B 129 9.78 21.94 3.10
CA PHE B 129 11.20 21.59 2.84
C PHE B 129 11.42 21.40 1.33
N ASP B 130 10.42 20.85 0.60
CA ASP B 130 10.51 20.65 -0.83
C ASP B 130 10.70 22.03 -1.48
N TRP B 131 9.87 22.99 -1.10
CA TRP B 131 9.89 24.30 -1.74
C TRP B 131 11.21 25.05 -1.42
N LEU B 132 11.67 24.98 -0.15
CA LEU B 132 12.92 25.66 0.22
C LEU B 132 14.09 25.03 -0.54
N ALA B 133 14.16 23.68 -0.60
CA ALA B 133 15.30 23.00 -1.26
C ALA B 133 15.42 23.39 -2.72
N VAL B 134 14.28 23.32 -3.45
CA VAL B 134 14.29 23.60 -4.88
C VAL B 134 14.62 25.09 -5.13
N ASN B 135 13.97 25.97 -4.39
CA ASN B 135 14.23 27.39 -4.58
C ASN B 135 15.64 27.80 -4.14
N TYR B 136 16.17 27.16 -3.09
CA TYR B 136 17.59 27.33 -2.79
C TYR B 136 18.47 27.00 -4.05
N LYS B 137 18.26 25.80 -4.61
CA LYS B 137 18.98 25.32 -5.80
C LYS B 137 18.84 26.21 -7.02
N LEU B 138 17.67 26.77 -7.22
CA LEU B 138 17.44 27.71 -8.30
C LEU B 138 17.91 29.12 -7.98
N ASP B 139 18.39 29.38 -6.76
CA ASP B 139 18.93 30.71 -6.42
C ASP B 139 17.84 31.77 -6.49
N THR B 140 16.61 31.41 -6.12
CA THR B 140 15.46 32.33 -6.16
C THR B 140 15.09 32.85 -4.76
N LEU B 141 15.82 32.45 -3.73
CA LEU B 141 15.47 32.88 -2.36
C LEU B 141 16.00 34.26 -1.95
N LYS B 142 17.08 34.71 -2.62
CA LYS B 142 17.88 35.94 -2.30
C LYS B 142 17.02 37.21 -2.20
N SER B 143 16.31 37.52 -3.29
CA SER B 143 15.31 38.63 -3.26
C SER B 143 13.95 38.32 -3.87
N VAL B 144 13.03 39.30 -3.67
CA VAL B 144 11.63 39.29 -4.12
C VAL B 144 11.57 38.90 -5.59
N GLN B 145 10.70 37.93 -5.92
CA GLN B 145 10.60 37.43 -7.31
C GLN B 145 9.57 38.10 -8.17
N ASN B 146 9.96 38.38 -9.42
CA ASN B 146 9.03 38.63 -10.54
C ASN B 146 8.02 37.50 -10.70
N LYS B 147 8.43 36.26 -10.42
CA LYS B 147 7.69 35.06 -10.86
C LYS B 147 7.22 34.19 -9.70
N SER B 148 6.06 33.58 -9.84
CA SER B 148 5.61 32.57 -8.85
C SER B 148 6.15 31.19 -9.20
N VAL B 149 6.84 30.57 -8.22
CA VAL B 149 7.52 29.25 -8.40
C VAL B 149 6.82 28.19 -7.55
N GLY B 150 6.36 27.16 -8.21
CA GLY B 150 5.61 26.12 -7.63
C GLY B 150 6.51 24.85 -7.63
N VAL B 151 6.35 24.00 -6.63
CA VAL B 151 7.15 22.75 -6.51
C VAL B 151 6.21 21.59 -6.23
N MET B 152 6.45 20.49 -6.95
CA MET B 152 5.80 19.23 -6.73
C MET B 152 6.86 18.19 -6.39
N ASP B 153 6.55 17.29 -5.45
CA ASP B 153 7.46 16.21 -5.10
C ASP B 153 6.64 14.94 -5.22
N MET B 154 7.04 14.10 -6.15
CA MET B 154 6.34 12.90 -6.56
C MET B 154 6.95 11.70 -5.84
N GLY B 155 6.42 11.38 -4.63
CA GLY B 155 7.04 10.31 -3.79
C GLY B 155 6.40 8.95 -3.99
N GLY B 156 6.84 7.92 -3.26
CA GLY B 156 6.28 6.57 -3.42
C GLY B 156 4.98 6.38 -2.69
N ALA B 157 4.77 7.16 -1.62
CA ALA B 157 3.55 6.99 -0.77
C ALA B 157 2.73 8.25 -0.69
N SER B 158 3.37 9.42 -0.70
CA SER B 158 2.63 10.71 -0.77
C SER B 158 3.15 11.55 -1.93
N VAL B 159 2.36 12.56 -2.33
CA VAL B 159 2.87 13.60 -3.25
C VAL B 159 2.63 14.93 -2.55
N GLN B 160 3.54 15.89 -2.79
CA GLN B 160 3.35 17.21 -2.21
C GLN B 160 3.22 18.26 -3.37
N ILE B 161 2.47 19.31 -3.07
CA ILE B 161 2.42 20.48 -3.91
C ILE B 161 2.55 21.71 -2.99
N VAL B 162 3.29 22.74 -3.47
CA VAL B 162 3.57 23.91 -2.66
C VAL B 162 3.80 25.08 -3.60
N PHE B 163 3.19 26.22 -3.27
CA PHE B 163 3.27 27.41 -4.17
C PHE B 163 2.96 28.65 -3.31
N PRO B 164 3.45 29.83 -3.75
CA PRO B 164 3.16 31.07 -2.99
C PRO B 164 1.66 31.37 -2.93
N MET B 165 1.20 31.80 -1.77
CA MET B 165 -0.20 32.18 -1.58
C MET B 165 -0.23 33.16 -0.40
N PRO B 166 -0.79 34.38 -0.59
CA PRO B 166 -0.91 35.27 0.56
C PRO B 166 -1.64 34.58 1.71
N LYS B 167 -1.22 34.91 2.94
CA LYS B 167 -1.82 34.31 4.13
C LYS B 167 -3.36 34.51 4.10
N ASN B 168 -4.13 33.46 4.36
CA ASN B 168 -5.58 33.43 4.12
C ASN B 168 -6.28 32.90 5.38
N ALA B 169 -7.25 33.62 5.91
CA ALA B 169 -7.97 33.17 7.13
C ALA B 169 -8.97 32.08 6.81
N GLU B 170 -9.28 31.88 5.52
CA GLU B 170 -10.22 30.82 5.06
C GLU B 170 -9.60 29.42 4.93
N ILE B 171 -8.27 29.33 4.85
N ILE B 171 -8.26 29.38 4.86
CA ILE B 171 -7.62 28.02 4.59
CA ILE B 171 -7.48 28.13 4.66
C ILE B 171 -6.88 27.56 5.86
C ILE B 171 -7.05 27.60 6.04
N SER B 172 -7.03 26.28 6.22
CA SER B 172 -6.45 25.70 7.47
C SER B 172 -5.03 26.25 7.70
N LYS B 173 -4.73 26.64 8.94
CA LYS B 173 -3.36 27.05 9.29
C LYS B 173 -2.34 25.94 8.96
N HIS B 174 -2.82 24.68 8.95
CA HIS B 174 -1.97 23.54 8.70
C HIS B 174 -1.43 23.60 7.27
N ASN B 175 -2.17 24.25 6.35
CA ASN B 175 -1.81 24.26 4.91
C ASN B 175 -1.14 25.57 4.52
N GLN B 176 -0.68 26.35 5.51
CA GLN B 176 -0.04 27.63 5.22
C GLN B 176 1.22 27.81 6.05
N VAL B 177 2.26 28.33 5.43
CA VAL B 177 3.55 28.58 6.14
CA VAL B 177 3.51 28.59 6.15
C VAL B 177 4.00 29.98 5.80
N GLU B 178 4.32 30.75 6.80
CA GLU B 178 4.89 32.03 6.54
C GLU B 178 6.35 31.91 6.96
N LEU B 179 7.25 32.37 6.11
CA LEU B 179 8.64 32.42 6.50
C LEU B 179 9.29 33.74 6.14
N ASN B 180 10.31 34.07 6.91
CA ASN B 180 11.18 35.16 6.60
C ASN B 180 12.55 34.58 6.41
N ILE B 181 13.04 34.81 5.21
CA ILE B 181 14.31 34.26 4.81
C ILE B 181 15.02 35.29 3.94
N TYR B 182 16.29 35.50 4.28
CA TYR B 182 17.15 36.47 3.61
C TYR B 182 16.44 37.80 3.51
N GLY B 183 15.79 38.18 4.62
CA GLY B 183 15.13 39.47 4.73
C GLY B 183 13.93 39.57 3.82
N GLN B 184 13.45 38.44 3.30
CA GLN B 184 12.18 38.49 2.62
C GLN B 184 11.10 37.66 3.31
N ASN B 185 9.87 38.14 3.17
CA ASN B 185 8.70 37.49 3.74
C ASN B 185 7.96 36.73 2.67
N ILE B 186 7.70 35.45 2.92
CA ILE B 186 7.20 34.51 1.90
C ILE B 186 6.11 33.71 2.59
N ASN B 187 4.96 33.62 1.94
CA ASN B 187 3.81 32.85 2.44
C ASN B 187 3.47 31.81 1.41
N LEU B 188 3.40 30.57 1.87
CA LEU B 188 3.24 29.41 1.00
C LEU B 188 1.99 28.64 1.37
N TYR B 189 1.28 28.18 0.36
CA TYR B 189 0.30 27.07 0.51
C TYR B 189 1.06 25.73 0.40
N VAL B 190 0.81 24.84 1.34
CA VAL B 190 1.44 23.47 1.34
C VAL B 190 0.35 22.41 1.43
N HIS B 191 0.52 21.33 0.65
CA HIS B 191 -0.44 20.21 0.78
C HIS B 191 0.27 18.91 0.47
N SER B 192 -0.02 17.84 1.21
CA SER B 192 0.54 16.52 0.91
C SER B 192 -0.68 15.59 0.78
N PHE B 193 -0.69 14.74 -0.22
CA PHE B 193 -1.77 13.74 -0.43
C PHE B 193 -1.23 12.33 -0.11
N LEU B 194 -1.57 11.83 1.07
CA LEU B 194 -1.07 10.55 1.51
C LEU B 194 -1.85 9.44 0.80
N GLY B 195 -1.17 8.47 0.22
CA GLY B 195 -1.87 7.42 -0.56
C GLY B 195 -1.77 7.65 -2.06
N LEU B 196 -1.40 8.89 -2.46
CA LEU B 196 -1.32 9.23 -3.90
C LEU B 196 0.12 9.14 -4.45
N GLY B 197 1.11 8.82 -3.61
CA GLY B 197 2.44 8.42 -4.14
C GLY B 197 2.36 7.24 -5.07
N GLN B 198 3.40 7.00 -5.86
CA GLN B 198 3.25 6.05 -6.98
C GLN B 198 3.03 4.61 -6.51
N THR B 199 3.64 4.19 -5.42
CA THR B 199 3.52 2.78 -5.01
C THR B 199 2.08 2.57 -4.50
N GLU B 200 1.64 3.49 -3.67
CA GLU B 200 0.31 3.29 -3.02
C GLU B 200 -0.81 3.44 -4.07
N MET B 201 -0.67 4.42 -4.95
CA MET B 201 -1.63 4.63 -6.06
C MET B 201 -1.69 3.31 -6.88
N SER B 202 -0.50 2.76 -7.22
CA SER B 202 -0.44 1.71 -8.21
C SER B 202 -1.19 0.47 -7.67
N HIS B 203 -1.29 0.34 -6.35
CA HIS B 203 -1.94 -0.86 -5.77
C HIS B 203 -3.45 -0.87 -5.98
N GLN B 204 -3.99 0.22 -6.52
CA GLN B 204 -5.45 0.27 -6.83
C GLN B 204 -5.75 -0.06 -8.28
N PHE B 205 -4.70 -0.17 -9.13
CA PHE B 205 -4.89 -0.30 -10.58
C PHE B 205 -4.14 -1.47 -11.22
N LEU B 206 -3.63 -2.40 -10.42
CA LEU B 206 -2.83 -3.47 -11.00
C LEU B 206 -3.66 -4.43 -11.90
N ASN B 207 -5.02 -4.49 -11.72
CA ASN B 207 -5.84 -5.30 -12.65
C ASN B 207 -6.61 -4.48 -13.70
N SER B 208 -6.11 -3.29 -13.96
CA SER B 208 -6.75 -2.39 -14.97
C SER B 208 -6.04 -2.65 -16.34
N PRO B 209 -6.68 -3.37 -17.27
CA PRO B 209 -5.98 -3.59 -18.54
C PRO B 209 -5.49 -2.33 -19.25
N SER B 210 -6.23 -1.22 -19.14
CA SER B 210 -5.85 0.02 -19.86
CA SER B 210 -5.82 -0.04 -19.92
C SER B 210 -4.52 0.60 -19.37
N CYS B 211 -4.09 0.13 -18.20
CA CYS B 211 -2.91 0.68 -17.56
C CYS B 211 -1.60 -0.08 -17.87
N PHE B 212 -1.66 -1.13 -18.69
CA PHE B 212 -0.46 -1.98 -18.96
C PHE B 212 -0.38 -2.30 -20.41
N ALA B 213 0.85 -2.60 -20.89
CA ALA B 213 1.04 -2.90 -22.28
C ALA B 213 0.18 -4.09 -22.71
N ASN B 214 -0.12 -4.14 -24.00
CA ASN B 214 -0.86 -5.29 -24.56
C ASN B 214 -0.29 -6.67 -24.14
N ASP B 215 -1.17 -7.50 -23.56
CA ASP B 215 -0.82 -8.86 -23.16
C ASP B 215 0.09 -8.92 -21.95
N TYR B 216 0.26 -7.79 -21.26
CA TYR B 216 0.98 -7.86 -19.98
C TYR B 216 0.13 -8.78 -19.08
N PRO B 217 0.77 -9.72 -18.30
CA PRO B 217 0.02 -10.66 -17.45
C PRO B 217 -0.42 -9.96 -16.14
N LEU B 218 -1.66 -9.49 -16.10
CA LEU B 218 -2.19 -8.90 -14.89
C LEU B 218 -2.29 -9.94 -13.76
N PRO B 219 -2.18 -9.51 -12.49
CA PRO B 219 -2.14 -10.48 -11.39
C PRO B 219 -3.38 -11.43 -11.35
N ASP B 220 -4.56 -10.92 -11.78
CA ASP B 220 -5.81 -11.69 -11.75
C ASP B 220 -5.98 -12.62 -12.98
N GLY B 221 -4.98 -12.67 -13.88
CA GLY B 221 -5.09 -13.61 -14.99
C GLY B 221 -5.55 -12.99 -16.29
N GLU B 222 -6.06 -11.76 -16.25
CA GLU B 222 -6.47 -11.06 -17.50
C GLU B 222 -5.26 -10.46 -18.19
N SER B 223 -5.46 -9.90 -19.38
CA SER B 223 -4.33 -9.37 -20.19
C SER B 223 -4.37 -7.89 -20.27
N GLY B 224 -3.17 -7.26 -20.22
CA GLY B 224 -3.08 -5.83 -20.53
C GLY B 224 -3.68 -5.52 -21.88
N GLN B 225 -4.21 -4.29 -21.99
CA GLN B 225 -4.70 -3.76 -23.26
C GLN B 225 -4.60 -2.23 -23.13
N GLY B 226 -3.38 -1.71 -23.27
CA GLY B 226 -3.05 -0.36 -22.75
C GLY B 226 -3.70 0.73 -23.58
N ASN B 227 -4.12 1.79 -22.88
CA ASN B 227 -4.61 2.96 -23.54
C ASN B 227 -4.47 4.06 -22.53
N ALA B 228 -3.45 4.92 -22.68
CA ALA B 228 -3.19 5.91 -21.63
C ALA B 228 -4.37 6.86 -21.31
N PRO B 229 -5.09 7.43 -22.33
CA PRO B 229 -6.25 8.22 -21.89
C PRO B 229 -7.23 7.45 -20.99
N SER B 230 -7.46 6.16 -21.27
CA SER B 230 -8.41 5.37 -20.42
C SER B 230 -7.84 5.13 -19.01
N CYS B 231 -6.55 4.77 -18.94
CA CYS B 231 -5.89 4.57 -17.66
C CYS B 231 -5.91 5.88 -16.87
N LYS B 232 -5.60 6.99 -17.53
CA LYS B 232 -5.67 8.33 -16.88
C LYS B 232 -7.06 8.58 -16.29
N GLU B 233 -8.14 8.27 -17.02
CA GLU B 233 -9.52 8.47 -16.49
C GLU B 233 -9.72 7.66 -15.23
N GLU B 234 -9.21 6.40 -15.21
CA GLU B 234 -9.32 5.56 -14.01
C GLU B 234 -8.61 6.19 -12.82
N VAL B 235 -7.32 6.59 -13.02
CA VAL B 235 -6.56 7.22 -11.96
C VAL B 235 -7.23 8.52 -11.46
N THR B 236 -7.84 9.30 -12.39
CA THR B 236 -8.49 10.55 -11.99
C THR B 236 -9.61 10.26 -10.97
N SER B 237 -10.33 9.12 -11.07
CA SER B 237 -11.34 8.83 -10.03
CA SER B 237 -11.33 8.81 -10.02
C SER B 237 -10.71 8.72 -8.62
N LEU B 238 -9.51 8.17 -8.54
CA LEU B 238 -8.82 8.12 -7.25
C LEU B 238 -8.44 9.56 -6.81
N MET B 239 -7.92 10.34 -7.76
CA MET B 239 -7.50 11.69 -7.45
C MET B 239 -8.69 12.56 -6.96
N ASN B 240 -9.83 12.49 -7.66
CA ASN B 240 -10.87 13.48 -7.47
C ASN B 240 -12.10 12.92 -6.73
N SER B 241 -12.60 11.74 -7.14
CA SER B 241 -13.79 11.14 -6.48
C SER B 241 -13.38 10.72 -5.09
N VAL B 242 -12.15 10.21 -4.91
CA VAL B 242 -11.76 9.81 -3.57
C VAL B 242 -11.10 11.03 -2.84
N HIS B 243 -9.94 11.49 -3.33
CA HIS B 243 -9.12 12.48 -2.59
C HIS B 243 -9.57 13.94 -2.76
N LYS B 244 -10.44 14.22 -3.73
CA LYS B 244 -10.93 15.61 -3.97
C LYS B 244 -9.72 16.51 -4.23
N VAL B 245 -8.70 16.02 -4.97
CA VAL B 245 -7.50 16.88 -5.32
C VAL B 245 -7.96 18.18 -6.05
N ASN B 246 -8.81 18.03 -7.06
CA ASN B 246 -9.26 19.17 -7.90
C ASN B 246 -9.98 20.20 -7.04
N GLN B 247 -10.93 19.77 -6.20
CA GLN B 247 -11.71 20.74 -5.35
C GLN B 247 -10.81 21.51 -4.42
N GLN B 248 -9.82 20.82 -3.87
CA GLN B 248 -8.90 21.46 -2.94
C GLN B 248 -7.86 22.35 -3.63
N ILE B 249 -7.32 21.94 -4.77
CA ILE B 249 -6.08 22.63 -5.28
C ILE B 249 -6.50 23.65 -6.36
N GLN B 250 -7.41 23.28 -7.26
CA GLN B 250 -7.65 24.11 -8.43
C GLN B 250 -8.14 25.55 -8.17
N PRO B 251 -9.07 25.72 -7.20
CA PRO B 251 -9.53 27.10 -6.90
C PRO B 251 -8.38 27.97 -6.35
N LEU B 252 -7.44 27.33 -5.65
CA LEU B 252 -6.29 28.05 -5.11
C LEU B 252 -5.27 28.48 -6.17
N LEU B 253 -4.98 27.59 -7.13
CA LEU B 253 -4.05 27.93 -8.22
C LEU B 253 -4.66 28.92 -9.19
N ALA B 254 -5.98 28.87 -9.36
CA ALA B 254 -6.69 29.82 -10.22
C ALA B 254 -6.42 31.21 -9.67
N LEU B 255 -6.44 31.36 -8.34
CA LEU B 255 -6.22 32.70 -7.76
C LEU B 255 -4.73 33.04 -7.58
N ASN B 256 -3.86 32.06 -7.62
CA ASN B 256 -2.44 32.26 -7.22
C ASN B 256 -1.56 31.60 -8.28
N PRO B 257 -1.68 32.10 -9.55
CA PRO B 257 -0.97 31.47 -10.66
C PRO B 257 0.50 31.23 -10.38
N VAL B 258 0.92 30.02 -10.69
CA VAL B 258 2.31 29.68 -10.69
C VAL B 258 2.79 29.98 -12.11
N ASN B 259 3.88 30.74 -12.20
CA ASN B 259 4.58 30.98 -13.45
C ASN B 259 5.55 29.88 -13.90
N GLU B 260 6.34 29.28 -12.99
N GLU B 260 6.17 29.21 -12.92
CA GLU B 260 7.21 28.13 -13.34
CA GLU B 260 7.13 28.15 -13.18
C GLU B 260 7.08 27.00 -12.31
C GLU B 260 6.86 26.99 -12.24
N TRP B 261 6.80 25.79 -12.81
CA TRP B 261 6.66 24.58 -12.05
C TRP B 261 7.95 23.78 -12.09
N TYR B 262 8.40 23.33 -10.90
CA TYR B 262 9.52 22.37 -10.77
C TYR B 262 9.02 21.13 -10.06
N SER B 263 9.48 19.97 -10.52
CA SER B 263 9.11 18.70 -9.89
CA SER B 263 9.13 18.73 -9.82
C SER B 263 10.35 17.93 -9.45
N ILE B 264 10.26 17.25 -8.30
CA ILE B 264 11.30 16.34 -7.89
C ILE B 264 10.62 14.97 -7.60
N GLY B 265 11.38 13.97 -7.15
CA GLY B 265 10.78 12.67 -6.92
C GLY B 265 10.85 11.79 -8.13
N GLY B 266 9.95 10.80 -8.21
CA GLY B 266 9.98 9.74 -9.23
C GLY B 266 9.92 10.21 -10.67
N ILE B 267 9.22 11.32 -10.92
CA ILE B 267 8.98 11.78 -12.29
C ILE B 267 10.31 12.02 -13.00
N SER B 268 11.32 12.49 -12.23
CA SER B 268 12.64 12.74 -12.82
C SER B 268 13.23 11.42 -13.37
N ASN B 269 13.05 10.32 -12.62
CA ASN B 269 13.56 9.02 -13.09
C ASN B 269 12.81 8.55 -14.35
N LEU B 270 11.49 8.68 -14.35
CA LEU B 270 10.66 8.28 -15.49
CA LEU B 270 10.74 8.24 -15.52
C LEU B 270 11.12 9.08 -16.72
N ALA B 271 11.19 10.39 -16.56
CA ALA B 271 11.44 11.25 -17.71
C ALA B 271 12.83 11.05 -18.28
N SER B 272 13.79 10.58 -17.45
CA SER B 272 15.19 10.40 -17.91
CA SER B 272 15.17 10.42 -17.93
C SER B 272 15.48 8.97 -18.29
N SER B 273 14.44 8.12 -18.27
CA SER B 273 14.65 6.72 -18.61
C SER B 273 14.88 6.58 -20.11
N GLN B 274 15.30 5.39 -20.55
CA GLN B 274 15.50 5.16 -22.01
C GLN B 274 14.19 5.13 -22.84
N LEU B 275 13.02 5.00 -22.16
CA LEU B 275 11.73 4.86 -22.84
C LEU B 275 11.10 6.21 -23.22
N PHE B 276 11.49 7.29 -22.54
CA PHE B 276 10.93 8.62 -22.75
C PHE B 276 12.00 9.54 -23.29
N HIS B 277 11.58 10.57 -24.01
CA HIS B 277 12.49 11.47 -24.66
C HIS B 277 12.06 12.91 -24.35
N PHE B 278 12.87 13.60 -23.52
CA PHE B 278 12.63 14.98 -23.15
C PHE B 278 13.93 15.78 -23.23
N GLU B 279 13.86 17.01 -23.75
N GLU B 279 13.85 17.02 -23.69
CA GLU B 279 15.02 17.90 -23.81
CA GLU B 279 15.02 17.87 -23.82
C GLU B 279 15.00 18.78 -22.58
C GLU B 279 14.97 18.94 -22.72
N ASN B 280 16.15 19.40 -22.28
CA ASN B 280 16.24 20.57 -21.34
C ASN B 280 15.71 20.25 -19.94
N SER B 281 15.65 18.98 -19.57
CA SER B 281 15.11 18.55 -18.26
C SER B 281 13.76 19.15 -18.01
N GLU B 282 12.92 19.10 -19.03
CA GLU B 282 11.56 19.56 -18.82
C GLU B 282 10.63 18.75 -19.71
N LEU B 283 9.36 18.68 -19.32
CA LEU B 283 8.35 17.91 -20.05
C LEU B 283 7.06 18.75 -20.07
N THR B 284 6.09 18.30 -20.87
CA THR B 284 4.74 18.74 -20.70
C THR B 284 3.92 17.49 -20.39
N ASN B 285 2.78 17.73 -19.76
CA ASN B 285 1.90 16.57 -19.46
C ASN B 285 1.37 15.97 -20.80
N GLN B 286 1.03 16.83 -21.76
CA GLN B 286 0.54 16.35 -23.06
C GLN B 286 1.54 15.35 -23.66
N SER B 287 2.82 15.74 -23.68
CA SER B 287 3.84 14.93 -24.28
C SER B 287 4.10 13.67 -23.44
N LEU B 288 4.05 13.78 -22.10
CA LEU B 288 4.30 12.64 -21.24
C LEU B 288 3.23 11.56 -21.46
N LEU B 289 1.96 11.99 -21.51
CA LEU B 289 0.87 11.04 -21.78
C LEU B 289 0.99 10.35 -23.20
N GLN B 290 1.23 11.16 -24.23
N GLN B 290 1.24 11.17 -24.23
CA GLN B 290 1.37 10.66 -25.59
CA GLN B 290 1.36 10.71 -25.60
C GLN B 290 2.49 9.63 -25.65
C GLN B 290 2.52 9.70 -25.74
N GLN B 291 3.62 9.96 -25.04
CA GLN B 291 4.78 9.07 -25.08
C GLN B 291 4.46 7.79 -24.36
N GLY B 292 3.82 7.88 -23.18
CA GLY B 292 3.48 6.65 -22.45
C GLY B 292 2.52 5.84 -23.33
N ASP B 293 1.52 6.53 -23.92
CA ASP B 293 0.51 5.82 -24.72
C ASP B 293 1.15 5.06 -25.88
N ASN B 294 2.07 5.71 -26.61
CA ASN B 294 2.56 5.13 -27.83
C ASN B 294 3.77 4.21 -27.63
N GLN B 295 4.64 4.54 -26.64
CA GLN B 295 5.88 3.84 -26.50
C GLN B 295 5.73 2.69 -25.54
N ILE B 296 4.62 2.66 -24.77
CA ILE B 296 4.43 1.56 -23.79
C ILE B 296 3.01 0.95 -23.85
N CYS B 297 1.98 1.75 -23.59
CA CYS B 297 0.61 1.19 -23.50
C CYS B 297 0.19 0.39 -24.74
N HIS B 298 0.47 0.92 -25.96
CA HIS B 298 0.05 0.26 -27.20
C HIS B 298 1.03 -0.74 -27.77
N GLN B 299 2.06 -1.07 -27.00
CA GLN B 299 3.12 -2.06 -27.41
C GLN B 299 2.77 -3.42 -26.90
N GLN B 300 3.34 -4.45 -27.53
CA GLN B 300 3.15 -5.85 -27.15
CA GLN B 300 3.04 -5.78 -27.10
C GLN B 300 4.10 -6.09 -26.01
N TRP B 301 3.61 -6.52 -24.82
CA TRP B 301 4.46 -6.60 -23.63
C TRP B 301 5.74 -7.45 -23.76
N ASP B 302 5.61 -8.69 -24.25
CA ASP B 302 6.76 -9.65 -24.32
C ASP B 302 7.88 -9.08 -25.17
N ILE B 303 7.47 -8.50 -26.31
CA ILE B 303 8.36 -7.85 -27.29
CA ILE B 303 8.40 -7.89 -27.26
C ILE B 303 9.09 -6.66 -26.63
N LEU B 304 8.30 -5.76 -26.04
CA LEU B 304 8.86 -4.55 -25.37
C LEU B 304 9.83 -4.94 -24.21
N ASN B 305 9.39 -5.89 -23.39
CA ASN B 305 10.15 -6.35 -22.22
C ASN B 305 11.53 -6.87 -22.67
N GLY B 306 11.54 -7.68 -23.72
CA GLY B 306 12.80 -8.23 -24.27
C GLY B 306 13.66 -7.12 -24.88
N GLN B 307 13.03 -6.05 -25.42
CA GLN B 307 13.79 -4.94 -26.05
C GLN B 307 14.48 -4.10 -24.97
N TYR B 308 13.87 -3.97 -23.80
CA TYR B 308 14.37 -3.04 -22.75
C TYR B 308 14.51 -3.78 -21.47
N PRO B 309 15.50 -4.68 -21.42
CA PRO B 309 15.62 -5.60 -20.26
C PRO B 309 16.22 -4.94 -19.01
N ASP B 310 16.72 -3.74 -19.20
CA ASP B 310 17.56 -3.05 -18.25
C ASP B 310 16.71 -2.07 -17.40
N ASP B 311 15.38 -2.08 -17.44
CA ASP B 311 14.65 -1.07 -16.72
C ASP B 311 13.57 -1.70 -15.86
N GLU B 312 13.78 -1.81 -14.55
N GLU B 312 13.81 -1.73 -14.53
CA GLU B 312 12.83 -2.55 -13.73
CA GLU B 312 12.93 -2.35 -13.53
C GLU B 312 11.51 -1.79 -13.48
C GLU B 312 11.51 -1.84 -13.64
N TYR B 313 11.40 -0.58 -14.04
CA TYR B 313 10.14 0.15 -14.03
C TYR B 313 9.31 0.05 -15.28
N LEU B 314 9.85 -0.62 -16.32
CA LEU B 314 9.28 -0.69 -17.65
C LEU B 314 7.80 -1.04 -17.59
N TYR B 315 7.50 -2.07 -16.80
CA TYR B 315 6.15 -2.60 -16.77
C TYR B 315 5.10 -1.59 -16.32
N GLN B 316 5.54 -0.58 -15.54
CA GLN B 316 4.64 0.39 -14.89
C GLN B 316 4.56 1.68 -15.71
N TYR B 317 5.27 1.78 -16.84
CA TYR B 317 5.38 3.12 -17.49
C TYR B 317 4.09 3.61 -18.11
N CYS B 318 3.23 2.69 -18.56
CA CYS B 318 1.93 3.09 -19.14
C CYS B 318 1.10 3.69 -17.97
N LEU B 319 1.09 2.99 -16.84
CA LEU B 319 0.39 3.48 -15.67
C LEU B 319 0.96 4.80 -15.09
N LEU B 320 2.29 4.92 -15.05
CA LEU B 320 2.92 6.08 -14.36
C LEU B 320 2.70 7.33 -15.20
N SER B 321 2.84 7.20 -16.54
CA SER B 321 2.62 8.37 -17.39
CA SER B 321 2.59 8.33 -17.45
C SER B 321 1.17 8.81 -17.26
N SER B 322 0.24 7.86 -17.29
CA SER B 322 -1.19 8.17 -17.08
C SER B 322 -1.48 8.82 -15.73
N TYR B 323 -0.83 8.33 -14.70
CA TYR B 323 -1.02 8.81 -13.32
C TYR B 323 -0.48 10.23 -13.15
N TYR B 324 0.69 10.52 -13.71
CA TYR B 324 1.24 11.87 -13.54
C TYR B 324 0.33 12.87 -14.21
N TYR B 325 -0.22 12.49 -15.37
CA TYR B 325 -1.16 13.41 -16.08
C TYR B 325 -2.43 13.56 -15.23
N ALA B 326 -2.99 12.46 -14.77
CA ALA B 326 -4.22 12.54 -13.92
C ALA B 326 -3.98 13.47 -12.72
N LEU B 327 -2.85 13.27 -12.04
CA LEU B 327 -2.46 14.13 -10.89
C LEU B 327 -2.32 15.63 -11.28
N MET B 328 -1.45 15.90 -12.24
CA MET B 328 -1.11 17.30 -12.54
C MET B 328 -2.20 18.04 -13.27
N VAL B 329 -2.78 17.35 -14.24
CA VAL B 329 -3.80 17.99 -15.15
C VAL B 329 -5.21 17.88 -14.52
N ASP B 330 -5.73 16.67 -14.32
CA ASP B 330 -7.08 16.49 -13.75
C ASP B 330 -7.15 16.86 -12.29
N GLY B 331 -6.06 16.65 -11.55
CA GLY B 331 -5.99 16.98 -10.11
C GLY B 331 -5.69 18.47 -9.90
N TYR B 332 -4.46 18.89 -10.19
CA TYR B 332 -4.05 20.25 -9.83
C TYR B 332 -4.59 21.26 -10.82
N GLY B 333 -5.03 20.81 -11.99
CA GLY B 333 -5.56 21.80 -12.98
C GLY B 333 -4.50 22.40 -13.88
N ILE B 334 -3.28 21.83 -13.85
CA ILE B 334 -2.20 22.41 -14.67
C ILE B 334 -2.54 22.17 -16.15
N ASN B 335 -2.25 23.17 -16.98
CA ASN B 335 -2.43 23.06 -18.41
C ASN B 335 -1.60 21.92 -18.99
N PRO B 336 -2.22 21.06 -19.85
CA PRO B 336 -1.45 19.95 -20.44
C PRO B 336 -0.18 20.41 -21.24
N ASN B 337 -0.17 21.67 -21.72
CA ASN B 337 0.96 22.21 -22.46
C ASN B 337 1.96 23.05 -21.70
N GLN B 338 1.68 23.21 -20.40
CA GLN B 338 2.62 23.95 -19.54
CA GLN B 338 2.56 23.90 -19.46
C GLN B 338 3.88 23.14 -19.25
N THR B 339 5.02 23.80 -19.39
CA THR B 339 6.33 23.19 -19.07
C THR B 339 6.38 22.83 -17.59
N ILE B 340 6.80 21.60 -17.31
CA ILE B 340 7.15 21.13 -15.95
C ILE B 340 8.66 20.82 -16.00
N HIS B 341 9.46 21.61 -15.28
CA HIS B 341 10.90 21.34 -15.12
C HIS B 341 11.01 20.20 -14.13
N TYR B 342 11.94 19.31 -14.39
CA TYR B 342 12.26 18.28 -13.38
C TYR B 342 13.76 18.37 -13.15
N ILE B 343 14.15 18.06 -11.93
CA ILE B 343 15.54 18.18 -11.56
C ILE B 343 16.18 16.89 -12.02
N PRO B 344 17.31 16.99 -12.74
CA PRO B 344 18.05 15.78 -13.16
C PRO B 344 18.29 14.77 -12.00
N PRO B 345 17.90 13.45 -12.18
CA PRO B 345 18.03 12.47 -11.05
C PRO B 345 19.48 12.38 -10.49
N GLU B 346 20.49 12.66 -11.34
CA GLU B 346 21.93 12.62 -10.97
C GLU B 346 22.21 13.58 -9.82
N GLN B 347 21.35 14.58 -9.69
CA GLN B 347 21.58 15.53 -8.62
C GLN B 347 21.19 14.99 -7.26
N ASN B 348 20.36 13.95 -7.22
CA ASN B 348 19.93 13.37 -5.93
C ASN B 348 19.36 14.47 -5.05
N LEU B 349 18.62 15.39 -5.71
CA LEU B 349 17.95 16.52 -5.03
C LEU B 349 16.63 16.10 -4.37
N ASP B 350 16.59 16.21 -3.05
CA ASP B 350 15.35 15.95 -2.29
C ASP B 350 15.11 17.17 -1.42
N TRP B 351 14.27 17.06 -0.40
CA TRP B 351 13.85 18.25 0.42
C TRP B 351 14.86 18.61 1.55
N THR B 352 15.93 17.80 1.67
CA THR B 352 16.82 17.94 2.85
C THR B 352 17.54 19.29 2.98
N ILE B 353 17.82 20.01 1.88
CA ILE B 353 18.36 21.40 2.00
C ILE B 353 17.39 22.28 2.77
N GLY B 354 16.09 22.00 2.64
CA GLY B 354 15.05 22.80 3.36
C GLY B 354 15.28 22.67 4.87
N VAL B 355 15.70 21.48 5.35
CA VAL B 355 16.04 21.32 6.78
C VAL B 355 17.23 22.17 7.18
N VAL B 356 18.29 22.13 6.36
CA VAL B 356 19.46 22.98 6.62
C VAL B 356 19.02 24.44 6.84
N LEU B 357 18.17 24.94 5.94
CA LEU B 357 17.71 26.34 5.93
C LEU B 357 16.74 26.69 7.07
N HIS B 358 15.78 25.81 7.32
CA HIS B 358 14.59 26.14 8.12
C HIS B 358 14.89 26.34 9.58
N ARG B 359 15.76 25.50 10.16
CA ARG B 359 16.14 25.62 11.58
C ARG B 359 16.53 27.04 12.06
N ALA B 360 17.07 27.85 11.13
CA ALA B 360 17.59 29.21 11.43
C ALA B 360 16.50 30.28 11.27
N LEU B 361 15.32 29.93 10.76
CA LEU B 361 14.28 30.95 10.45
C LEU B 361 13.25 31.23 11.54
MO MOO C . -4.23 -11.24 1.68
O1 MOO C . -4.93 -9.83 0.98
O2 MOO C . -5.21 -12.56 2.23
O3 MOO C . -3.72 -10.52 3.30
O4 MOO C . -2.63 -11.63 0.99
MG MG D . -5.57 -14.18 3.28
O1 MES E . -12.27 -0.47 -14.09
C2 MES E . -12.56 -0.79 -12.72
C3 MES E . -12.56 -2.32 -12.57
N4 MES E . -11.19 -2.79 -12.92
C5 MES E . -10.85 -2.52 -14.32
C6 MES E . -11.13 -1.07 -14.75
C7 MES E . -11.13 -4.25 -12.74
C8 MES E . -10.32 -4.53 -11.49
S MES E . -11.24 -4.79 -10.12
O1S MES E . -12.58 -5.36 -10.43
O2S MES E . -10.48 -5.80 -9.36
O3S MES E . -11.22 -3.70 -9.16
NA NA F . -1.70 0.88 -0.85
MG MG G . 3.81 -40.02 6.78
C1 GOL H . 4.54 -41.64 3.78
O1 GOL H . 3.87 -41.76 5.06
C2 GOL H . 5.63 -40.56 3.80
O2 GOL H . 5.16 -39.28 4.43
C3 GOL H . 6.27 -40.48 2.39
O3 GOL H . 7.25 -39.40 2.39
MO1 M27 I . 14.61 -31.06 6.71
O1 M27 I . 14.40 -32.43 7.68
O7 M27 I . 13.66 -31.40 5.32
MO2 M27 I . 14.30 -28.20 8.16
O2 M27 I . 13.23 -29.96 7.77
O4 M27 I . 12.87 -27.23 8.00
O8 M27 I . 15.49 -26.95 8.22
O3 M27 I . 14.36 -28.38 9.86
C1 EDO J . 17.49 -29.66 7.37
O1 EDO J . 16.07 -29.69 7.72
C2 EDO J . 17.73 -30.74 6.33
O2 EDO J . 16.44 -31.23 5.88
CL CL K . 0.49 13.86 6.10
MG MG L . -15.63 10.50 -1.87
CL CL M . -5.81 -10.86 -8.66
MO MOO N . 7.79 9.32 0.14
O1 MOO N . 6.07 9.29 -0.37
O2 MOO N . 8.72 10.73 -0.38
O3 MOO N . 8.57 7.97 -0.94
O4 MOO N . 8.16 8.58 1.76
MG MG O . 10.56 11.59 -0.69
O1 MES P . -12.34 13.54 1.39
C2 MES P . -12.21 14.05 2.74
C3 MES P . -10.87 13.69 3.41
N4 MES P . -9.78 14.04 2.45
C5 MES P . -10.24 14.71 1.19
C6 MES P . -11.22 13.75 0.52
C7 MES P . -8.61 14.77 3.02
C8 MES P . -7.38 13.99 2.56
S MES P . -6.36 14.47 1.34
O1S MES P . -6.38 13.44 0.26
O2S MES P . -6.58 15.90 0.90
O3S MES P . -5.11 14.25 2.06
P AMP Q . 14.93 5.86 -5.26
O1P AMP Q . 15.22 4.48 -5.83
O2P AMP Q . 14.39 5.84 -3.82
O3P AMP Q . 16.09 6.85 -5.47
O5' AMP Q . 13.64 6.35 -6.14
C5' AMP Q . 12.83 7.48 -5.77
C4' AMP Q . 11.43 7.27 -6.34
O4' AMP Q . 11.54 7.15 -7.79
C3' AMP Q . 10.65 6.02 -5.86
O3' AMP Q . 9.21 6.23 -5.59
C2' AMP Q . 10.84 5.04 -7.00
O2' AMP Q . 9.80 4.03 -6.93
C1' AMP Q . 10.83 5.98 -8.21
N9 AMP Q . 11.54 5.53 -9.39
C8 AMP Q . 12.84 5.07 -9.46
N7 AMP Q . 13.14 4.81 -10.76
C5 AMP Q . 12.03 5.09 -11.52
C6 AMP Q . 11.63 5.08 -12.94
N6 AMP Q . 12.46 4.70 -13.91
N1 AMP Q . 10.39 5.51 -13.20
C2 AMP Q . 9.50 5.94 -12.30
N3 AMP Q . 9.73 6.02 -11.01
C4 AMP Q . 10.99 5.61 -10.58
C1 GOL R . 14.97 8.78 0.14
O1 GOL R . 13.63 9.18 0.46
C2 GOL R . 14.85 7.67 -0.88
O2 GOL R . 14.13 8.10 -2.08
C3 GOL R . 16.25 7.27 -1.30
O3 GOL R . 16.14 5.91 -1.80
MG MG S . -13.29 5.21 -12.50
MG MG T . 2.90 -1.53 1.42
#